data_9E8Y
#
_entry.id   9E8Y
#
_cell.length_a   1.00
_cell.length_b   1.00
_cell.length_c   1.00
_cell.angle_alpha   90.00
_cell.angle_beta   90.00
_cell.angle_gamma   90.00
#
_symmetry.space_group_name_H-M   'P 1'
#
loop_
_entity.id
_entity.type
_entity.pdbx_description
1 polymer Alpha-synuclein
2 non-polymer 2-(4-benzyl-1-oxophthalazin-2(1H)-yl)-N-(2,6-dimethylphenyl)acetamide
#
_entity_poly.entity_id   1
_entity_poly.type   'polypeptide(L)'
_entity_poly.pdbx_seq_one_letter_code
;MDVFMKGLSKAKEGVVAAAEKTKQGVAEAAGKTKEGVLYVGSKTKEGVVHGVATVAEKTKEQVTNVGGAVVTGVTAVAQK
TVEGAGSIAAATGFVKKDQLGKNEEGAPQEGILEDMPVDPDNEAYEMPSEEGYQDYEPEA
;
_entity_poly.pdbx_strand_id   A,B,C,D,E,F,G,H,I,J
#
loop_
_chem_comp.id
_chem_comp.type
_chem_comp.name
_chem_comp.formula
A1BGB non-polymer 2-(4-benzyl-1-oxophthalazin-2(1H)-yl)-N-(2,6-dimethylphenyl)acetamide 'C25 H23 N3 O2'
#
# COMPACT_ATOMS: atom_id res chain seq x y z
N GLY A 14 22.47 36.21 -0.48
CA GLY A 14 23.29 35.69 0.60
C GLY A 14 22.50 35.02 1.70
N VAL A 15 22.94 33.83 2.10
CA VAL A 15 22.30 33.05 3.14
C VAL A 15 23.35 32.76 4.22
N VAL A 16 23.08 33.19 5.44
CA VAL A 16 24.02 33.06 6.55
C VAL A 16 23.31 32.42 7.73
N ALA A 17 23.92 31.38 8.30
CA ALA A 17 23.44 30.74 9.51
C ALA A 17 24.60 30.61 10.49
N ALA A 18 24.40 31.07 11.72
CA ALA A 18 25.46 31.08 12.71
C ALA A 18 24.93 30.62 14.06
N ALA A 19 25.83 30.07 14.88
CA ALA A 19 25.50 29.64 16.23
C ALA A 19 26.76 29.73 17.08
N GLU A 20 26.74 30.62 18.07
CA GLU A 20 27.93 30.90 18.88
C GLU A 20 27.60 30.76 20.36
N LYS A 21 28.61 30.36 21.13
CA LYS A 21 28.53 30.30 22.59
C LYS A 21 27.38 29.41 23.06
N THR A 22 27.40 28.17 22.59
CA THR A 22 26.42 27.16 22.96
C THR A 22 27.15 25.92 23.48
N LYS A 23 26.36 24.93 23.91
CA LYS A 23 26.89 23.62 24.27
C LYS A 23 26.69 22.60 23.16
N GLN A 24 25.52 22.59 22.54
CA GLN A 24 25.25 21.80 21.34
C GLN A 24 24.67 22.73 20.30
N GLY A 25 25.34 22.85 19.15
CA GLY A 25 24.91 23.78 18.14
C GLY A 25 24.96 23.23 16.74
N VAL A 26 23.91 23.48 15.95
CA VAL A 26 23.85 23.07 14.56
C VAL A 26 23.54 24.30 13.71
N ALA A 27 24.33 24.52 12.67
CA ALA A 27 24.14 25.64 11.76
C ALA A 27 24.14 25.12 10.34
N GLU A 28 22.99 25.19 9.67
CA GLU A 28 22.84 24.73 8.30
C GLU A 28 22.31 25.86 7.43
N ALA A 29 22.96 26.08 6.29
CA ALA A 29 22.55 27.10 5.34
C ALA A 29 22.50 26.49 3.95
N ALA A 30 21.40 26.71 3.25
CA ALA A 30 21.21 26.19 1.89
C ALA A 30 20.74 27.30 0.98
N GLY A 31 21.42 27.46 -0.16
CA GLY A 31 21.05 28.46 -1.12
C GLY A 31 19.76 28.14 -1.85
N LYS A 32 19.79 27.07 -2.65
CA LYS A 32 18.61 26.60 -3.36
C LYS A 32 18.42 25.12 -3.09
N THR A 33 17.18 24.72 -2.85
CA THR A 33 16.86 23.32 -2.54
C THR A 33 15.64 22.90 -3.33
N LYS A 34 15.66 21.67 -3.83
CA LYS A 34 14.53 21.10 -4.57
C LYS A 34 14.34 19.66 -4.11
N GLU A 35 13.21 19.39 -3.46
CA GLU A 35 12.91 18.04 -3.00
C GLU A 35 12.48 17.16 -4.17
N GLY A 36 12.47 15.85 -3.91
CA GLY A 36 12.08 14.87 -4.89
C GLY A 36 10.92 14.03 -4.42
N VAL A 37 10.63 12.99 -5.21
CA VAL A 37 9.54 12.07 -4.91
C VAL A 37 10.04 10.98 -3.96
N LEU A 38 9.18 10.56 -3.04
CA LEU A 38 9.53 9.48 -2.13
C LEU A 38 8.28 8.70 -1.77
N TYR A 39 8.43 7.36 -1.70
CA TYR A 39 7.35 6.46 -1.34
C TYR A 39 7.75 5.72 -0.06
N VAL A 40 6.83 5.70 0.92
CA VAL A 40 7.07 5.03 2.19
C VAL A 40 5.85 4.16 2.49
N GLY A 41 6.03 2.85 2.41
CA GLY A 41 4.94 1.92 2.70
C GLY A 41 3.75 2.07 1.79
N SER A 42 3.99 2.31 0.50
CA SER A 42 2.93 2.57 -0.46
C SER A 42 2.87 1.47 -1.51
N LYS A 43 1.70 1.29 -2.09
CA LYS A 43 1.48 0.32 -3.16
C LYS A 43 0.95 1.04 -4.40
N THR A 44 1.45 0.63 -5.56
CA THR A 44 1.08 1.26 -6.82
C THR A 44 0.69 0.19 -7.83
N LYS A 45 -0.31 0.49 -8.65
CA LYS A 45 -0.78 -0.42 -9.69
C LYS A 45 -1.07 0.38 -10.95
N GLU A 46 -0.21 0.24 -11.95
CA GLU A 46 -0.37 0.92 -13.23
C GLU A 46 -0.46 -0.12 -14.33
N GLY A 47 -1.60 -0.19 -14.99
CA GLY A 47 -1.81 -1.16 -16.05
C GLY A 47 -1.84 -2.58 -15.52
N VAL A 48 -2.83 -2.91 -14.69
CA VAL A 48 -2.92 -4.20 -14.04
C VAL A 48 -4.27 -4.83 -14.36
N VAL A 49 -4.25 -6.09 -14.78
CA VAL A 49 -5.46 -6.86 -15.02
C VAL A 49 -5.54 -7.92 -13.93
N HIS A 50 -6.63 -7.92 -13.17
CA HIS A 50 -6.78 -8.77 -11.99
C HIS A 50 -8.15 -9.44 -12.02
N GLY A 51 -8.16 -10.76 -11.86
CA GLY A 51 -9.39 -11.49 -11.67
C GLY A 51 -10.29 -11.55 -12.88
N VAL A 52 -9.87 -12.29 -13.91
CA VAL A 52 -10.67 -12.47 -15.12
C VAL A 52 -11.03 -13.95 -15.23
N ALA A 53 -12.33 -14.23 -15.30
CA ALA A 53 -12.83 -15.59 -15.41
C ALA A 53 -13.78 -15.68 -16.60
N THR A 54 -13.58 -16.68 -17.46
CA THR A 54 -14.39 -16.85 -18.65
C THR A 54 -14.76 -18.31 -18.80
N VAL A 55 -16.04 -18.57 -19.08
CA VAL A 55 -16.55 -19.92 -19.28
C VAL A 55 -17.29 -19.94 -20.62
N ALA A 56 -16.87 -20.84 -21.51
CA ALA A 56 -17.50 -21.02 -22.80
C ALA A 56 -17.78 -22.50 -23.03
N GLU A 57 -18.96 -22.82 -23.55
CA GLU A 57 -19.37 -24.22 -23.74
C GLU A 57 -19.20 -24.67 -25.18
N LYS A 58 -19.89 -24.03 -26.12
CA LYS A 58 -19.85 -24.42 -27.53
C LYS A 58 -19.85 -23.14 -28.38
N THR A 59 -18.66 -22.68 -28.74
CA THR A 59 -18.51 -21.45 -29.51
C THR A 59 -17.99 -21.80 -30.91
N LYS A 60 -18.74 -21.40 -31.93
CA LYS A 60 -18.34 -21.55 -33.32
C LYS A 60 -17.89 -20.19 -33.84
N GLU A 61 -16.65 -20.10 -34.30
CA GLU A 61 -16.06 -18.82 -34.68
C GLU A 61 -15.24 -18.99 -35.95
N GLN A 62 -15.45 -18.07 -36.90
CA GLN A 62 -14.73 -18.06 -38.16
C GLN A 62 -14.12 -16.68 -38.37
N VAL A 63 -12.88 -16.64 -38.84
CA VAL A 63 -12.17 -15.39 -39.09
C VAL A 63 -11.57 -15.44 -40.49
N THR A 64 -11.83 -14.42 -41.29
CA THR A 64 -11.24 -14.27 -42.62
C THR A 64 -10.53 -12.92 -42.67
N ASN A 65 -9.21 -12.94 -42.62
CA ASN A 65 -8.40 -11.73 -42.52
C ASN A 65 -7.59 -11.54 -43.79
N VAL A 66 -7.69 -10.35 -44.38
CA VAL A 66 -6.94 -9.99 -45.57
C VAL A 66 -6.31 -8.63 -45.30
N GLY A 67 -5.03 -8.62 -44.94
CA GLY A 67 -4.30 -7.38 -44.72
C GLY A 67 -4.85 -6.53 -43.60
N GLY A 68 -5.24 -7.14 -42.49
CA GLY A 68 -5.76 -6.40 -41.36
C GLY A 68 -5.23 -6.96 -40.06
N ALA A 69 -5.62 -6.31 -38.96
CA ALA A 69 -5.24 -6.73 -37.62
C ALA A 69 -6.50 -7.18 -36.88
N VAL A 70 -6.51 -8.43 -36.43
CA VAL A 70 -7.64 -9.02 -35.73
C VAL A 70 -7.16 -9.56 -34.40
N VAL A 71 -7.86 -9.19 -33.33
CA VAL A 71 -7.63 -9.76 -32.00
C VAL A 71 -8.84 -10.60 -31.65
N THR A 72 -8.61 -11.88 -31.38
CA THR A 72 -9.68 -12.86 -31.31
C THR A 72 -9.56 -13.69 -30.04
N GLY A 73 -10.70 -14.10 -29.51
CA GLY A 73 -10.74 -14.98 -28.36
C GLY A 73 -10.62 -14.24 -27.04
N VAL A 74 -10.38 -15.03 -25.99
CA VAL A 74 -10.20 -14.47 -24.66
C VAL A 74 -8.84 -13.81 -24.59
N THR A 75 -8.81 -12.49 -24.44
CA THR A 75 -7.58 -11.71 -24.44
C THR A 75 -7.53 -10.84 -23.19
N ALA A 76 -6.42 -10.93 -22.46
CA ALA A 76 -6.17 -10.08 -21.30
C ALA A 76 -4.81 -9.42 -21.49
N VAL A 77 -4.81 -8.11 -21.73
CA VAL A 77 -3.60 -7.36 -22.04
C VAL A 77 -3.42 -6.26 -21.02
N ALA A 78 -2.24 -6.21 -20.41
CA ALA A 78 -1.85 -5.15 -19.50
C ALA A 78 -0.61 -4.46 -20.06
N GLN A 79 -0.69 -3.14 -20.21
CA GLN A 79 0.37 -2.37 -20.85
C GLN A 79 0.74 -1.16 -20.01
N LYS A 80 2.02 -0.79 -20.08
CA LYS A 80 2.53 0.40 -19.40
C LYS A 80 3.66 0.96 -20.24
N THR A 81 3.44 2.13 -20.84
CA THR A 81 4.42 2.76 -21.72
C THR A 81 4.78 4.13 -21.16
N VAL A 82 6.03 4.53 -21.34
CA VAL A 82 6.51 5.82 -20.86
C VAL A 82 6.56 6.81 -22.01
N GLU A 83 7.34 6.50 -23.03
CA GLU A 83 7.48 7.36 -24.20
C GLU A 83 7.12 6.60 -25.48
N GLY A 84 6.02 5.85 -25.43
CA GLY A 84 5.56 5.10 -26.58
C GLY A 84 4.05 4.92 -26.52
N ALA A 85 3.50 4.38 -27.60
CA ALA A 85 2.06 4.19 -27.73
C ALA A 85 1.70 2.73 -27.50
N GLY A 86 0.59 2.50 -26.83
CA GLY A 86 0.09 1.16 -26.60
C GLY A 86 -1.16 0.87 -27.41
N SER A 87 -1.07 -0.07 -28.35
CA SER A 87 -2.17 -0.40 -29.23
C SER A 87 -2.45 -1.89 -29.17
N ILE A 88 -3.71 -2.25 -29.40
CA ILE A 88 -4.14 -3.65 -29.41
C ILE A 88 -4.25 -4.18 -30.83
N ALA A 89 -4.98 -3.46 -31.69
CA ALA A 89 -5.14 -3.84 -33.09
C ALA A 89 -5.03 -2.59 -33.94
N ALA A 90 -4.01 -2.53 -34.79
CA ALA A 90 -3.74 -1.36 -35.63
C ALA A 90 -3.42 -1.82 -37.04
N ALA A 91 -4.34 -1.54 -37.97
CA ALA A 91 -4.16 -1.84 -39.39
C ALA A 91 -3.98 -0.52 -40.11
N THR A 92 -2.72 -0.12 -40.28
CA THR A 92 -2.37 1.15 -40.92
C THR A 92 -1.52 0.90 -42.16
N GLY A 93 -1.03 1.97 -42.75
CA GLY A 93 -0.15 1.87 -43.90
C GLY A 93 0.50 3.21 -44.19
N PHE A 94 1.69 3.12 -44.78
CA PHE A 94 2.46 4.30 -45.19
C PHE A 94 2.75 5.21 -43.99
N VAL A 95 3.52 4.66 -43.04
CA VAL A 95 3.95 5.40 -41.86
C VAL A 95 5.39 5.85 -42.07
N LYS A 96 5.60 7.17 -42.12
CA LYS A 96 6.91 7.72 -42.39
C LYS A 96 7.22 8.84 -41.40
N LYS A 97 8.49 9.01 -41.07
CA LYS A 97 8.96 10.09 -40.21
C LYS A 97 10.14 10.77 -40.89
N ASP A 98 10.08 12.09 -40.99
CA ASP A 98 11.14 12.86 -41.62
C ASP A 98 11.87 13.74 -40.60
N LYS B 21 -20.55 -27.84 22.19
CA LYS B 21 -20.43 -27.20 20.89
C LYS B 21 -20.59 -25.69 21.01
N THR B 22 -19.56 -24.95 20.59
CA THR B 22 -19.57 -23.49 20.70
C THR B 22 -18.66 -22.92 19.63
N LYS B 23 -19.16 -21.93 18.89
CA LYS B 23 -18.39 -21.25 17.85
C LYS B 23 -18.21 -19.79 18.25
N GLN B 24 -16.99 -19.30 18.12
CA GLN B 24 -16.66 -17.92 18.48
C GLN B 24 -15.59 -17.40 17.53
N GLY B 25 -15.90 -16.34 16.80
CA GLY B 25 -14.95 -15.75 15.88
C GLY B 25 -14.53 -16.68 14.76
N VAL B 26 -15.49 -17.36 14.15
CA VAL B 26 -15.24 -18.36 13.11
C VAL B 26 -15.79 -17.83 11.79
N ALA B 27 -14.94 -17.84 10.77
CA ALA B 27 -15.35 -17.48 9.40
C ALA B 27 -15.41 -18.76 8.58
N GLU B 28 -16.58 -19.04 8.03
CA GLU B 28 -16.82 -20.27 7.29
C GLU B 28 -17.37 -19.95 5.90
N ALA B 29 -16.85 -20.64 4.89
CA ALA B 29 -17.28 -20.46 3.51
C ALA B 29 -17.33 -21.81 2.82
N ALA B 30 -18.40 -22.04 2.07
CA ALA B 30 -18.58 -23.29 1.33
C ALA B 30 -19.14 -22.98 -0.04
N GLY B 31 -18.65 -23.69 -1.04
CA GLY B 31 -19.11 -23.51 -2.41
C GLY B 31 -19.11 -24.82 -3.16
N LYS B 32 -20.04 -24.94 -4.10
CA LYS B 32 -20.19 -26.14 -4.91
C LYS B 32 -20.59 -25.75 -6.33
N THR B 33 -20.02 -26.46 -7.30
CA THR B 33 -20.33 -26.23 -8.70
C THR B 33 -20.01 -27.49 -9.49
N LYS B 34 -20.38 -27.47 -10.78
CA LYS B 34 -20.10 -28.58 -11.68
C LYS B 34 -19.10 -28.20 -12.76
N GLU B 35 -19.37 -27.15 -13.52
CA GLU B 35 -18.47 -26.67 -14.55
C GLU B 35 -18.30 -25.16 -14.41
N GLY B 36 -17.07 -24.69 -14.54
CA GLY B 36 -16.78 -23.28 -14.50
C GLY B 36 -15.67 -22.99 -13.52
N VAL B 37 -15.66 -21.75 -13.01
CA VAL B 37 -14.64 -21.27 -12.11
C VAL B 37 -15.30 -20.99 -10.76
N LEU B 38 -14.74 -21.55 -9.69
CA LEU B 38 -15.28 -21.39 -8.35
C LEU B 38 -14.17 -20.91 -7.43
N TYR B 39 -14.49 -19.91 -6.60
CA TYR B 39 -13.55 -19.31 -5.68
C TYR B 39 -14.14 -19.34 -4.28
N VAL B 40 -13.39 -19.88 -3.33
CA VAL B 40 -13.80 -19.93 -1.93
C VAL B 40 -12.66 -19.37 -1.08
N GLY B 41 -12.99 -18.46 -0.18
CA GLY B 41 -11.98 -17.86 0.67
C GLY B 41 -12.56 -17.46 2.02
N SER B 42 -11.72 -17.52 3.04
CA SER B 42 -12.11 -17.12 4.40
C SER B 42 -10.95 -16.38 5.05
N LYS B 43 -11.27 -15.28 5.73
CA LYS B 43 -10.28 -14.47 6.42
C LYS B 43 -10.75 -14.18 7.84
N THR B 44 -9.78 -14.06 8.75
CA THR B 44 -10.06 -13.78 10.15
C THR B 44 -9.01 -12.82 10.68
N LYS B 45 -9.47 -11.75 11.34
CA LYS B 45 -8.59 -10.76 11.93
C LYS B 45 -8.99 -10.55 13.38
N GLU B 46 -8.06 -10.83 14.30
CA GLU B 46 -8.31 -10.69 15.74
C GLU B 46 -7.13 -9.96 16.36
N GLY B 47 -7.39 -8.79 16.95
CA GLY B 47 -6.34 -8.01 17.57
C GLY B 47 -5.26 -7.58 16.60
N VAL B 48 -5.67 -6.97 15.49
CA VAL B 48 -4.76 -6.60 14.40
C VAL B 48 -4.76 -5.08 14.26
N VAL B 49 -3.56 -4.50 14.22
CA VAL B 49 -3.39 -3.08 13.93
C VAL B 49 -2.90 -2.96 12.49
N HIS B 50 -3.65 -2.23 11.67
CA HIS B 50 -3.38 -2.15 10.24
C HIS B 50 -3.45 -0.69 9.79
N GLY B 51 -2.46 -0.28 8.99
CA GLY B 51 -2.51 1.01 8.34
C GLY B 51 -2.35 2.21 9.25
N VAL B 52 -1.16 2.40 9.80
CA VAL B 52 -0.85 3.56 10.62
C VAL B 52 0.19 4.39 9.88
N ALA B 53 -0.14 5.65 9.60
CA ALA B 53 0.74 6.55 8.87
C ALA B 53 0.88 7.86 9.64
N THR B 54 2.10 8.37 9.70
CA THR B 54 2.39 9.61 10.41
C THR B 54 3.47 10.38 9.67
N VAL B 55 3.23 11.68 9.46
CA VAL B 55 4.17 12.55 8.78
C VAL B 55 4.37 13.81 9.60
N ALA B 56 5.62 14.20 9.82
CA ALA B 56 5.96 15.44 10.51
C ALA B 56 6.92 16.22 9.61
N GLU B 57 6.54 17.46 9.28
CA GLU B 57 7.32 18.30 8.39
C GLU B 57 7.57 19.65 9.05
N LYS B 58 8.84 20.03 9.15
CA LYS B 58 9.25 21.32 9.72
C LYS B 58 8.67 21.54 11.11
N THR B 59 8.69 20.48 11.92
CA THR B 59 8.12 20.51 13.26
C THR B 59 9.22 20.78 14.28
N LYS B 60 8.98 21.74 15.17
CA LYS B 60 9.91 22.09 16.24
C LYS B 60 9.37 21.55 17.56
N GLU B 61 10.20 20.81 18.28
CA GLU B 61 9.83 20.21 19.56
C GLU B 61 10.94 20.43 20.56
N GLN B 62 10.63 21.09 21.66
CA GLN B 62 11.57 21.32 22.75
C GLN B 62 10.97 20.74 24.02
N VAL B 63 11.69 19.80 24.64
CA VAL B 63 11.19 19.06 25.80
C VAL B 63 12.21 19.18 26.92
N THR B 64 11.74 19.58 28.10
CA THR B 64 12.53 19.58 29.33
C THR B 64 11.83 18.71 30.35
N ASN B 65 12.49 17.64 30.78
CA ASN B 65 11.90 16.64 31.65
C ASN B 65 12.75 16.48 32.91
N VAL B 66 12.11 16.52 34.07
CA VAL B 66 12.78 16.33 35.35
C VAL B 66 11.96 15.31 36.13
N GLY B 67 12.37 14.04 36.05
CA GLY B 67 11.73 12.99 36.82
C GLY B 67 10.37 12.55 36.30
N GLY B 68 9.97 12.98 35.10
CA GLY B 68 8.70 12.61 34.54
C GLY B 68 8.82 11.69 33.34
N ALA B 69 7.71 11.55 32.62
CA ALA B 69 7.66 10.75 31.41
C ALA B 69 7.04 11.57 30.29
N VAL B 70 7.74 11.63 29.15
CA VAL B 70 7.29 12.36 27.98
C VAL B 70 7.34 11.42 26.78
N VAL B 71 6.23 11.35 26.03
CA VAL B 71 6.13 10.49 24.86
C VAL B 71 5.77 11.35 23.66
N THR B 72 6.53 11.20 22.57
CA THR B 72 6.35 12.01 21.38
C THR B 72 6.19 11.18 20.11
N GLY B 73 6.73 9.96 20.09
CA GLY B 73 6.71 9.14 18.89
C GLY B 73 5.39 8.43 18.66
N VAL B 74 5.45 7.46 17.75
CA VAL B 74 4.26 6.71 17.31
C VAL B 74 4.34 5.31 17.91
N THR B 75 3.24 4.89 18.55
CA THR B 75 3.17 3.58 19.19
C THR B 75 1.99 2.81 18.62
N ALA B 76 2.25 1.59 18.16
CA ALA B 76 1.22 0.71 17.62
C ALA B 76 1.36 -0.65 18.28
N VAL B 77 0.36 -1.04 19.07
CA VAL B 77 0.40 -2.27 19.84
C VAL B 77 -0.82 -3.11 19.49
N ALA B 78 -0.60 -4.39 19.20
CA ALA B 78 -1.68 -5.34 18.96
C ALA B 78 -1.47 -6.56 19.84
N GLN B 79 -2.48 -6.91 20.62
CA GLN B 79 -2.38 -8.03 21.55
C GLN B 79 -3.61 -8.92 21.43
N LYS B 80 -3.39 -10.23 21.37
CA LYS B 80 -4.45 -11.22 21.41
C LYS B 80 -4.12 -12.23 22.49
N THR B 81 -5.04 -12.43 23.43
CA THR B 81 -4.81 -13.33 24.55
C THR B 81 -6.02 -14.22 24.76
N VAL B 82 -5.77 -15.46 25.19
CA VAL B 82 -6.82 -16.42 25.49
C VAL B 82 -6.65 -16.85 26.95
N GLU B 83 -7.75 -16.82 27.70
CA GLU B 83 -7.76 -17.20 29.11
C GLU B 83 -6.76 -16.38 29.91
N GLY B 84 -6.73 -15.07 29.64
CA GLY B 84 -5.83 -14.18 30.35
C GLY B 84 -6.56 -13.04 31.05
N ALA B 85 -6.53 -13.03 32.38
CA ALA B 85 -7.23 -12.04 33.18
C ALA B 85 -6.25 -10.98 33.68
N GLY B 86 -6.68 -9.73 33.59
CA GLY B 86 -5.86 -8.61 34.05
C GLY B 86 -4.76 -8.18 33.09
N SER B 87 -4.79 -8.65 31.85
CA SER B 87 -3.77 -8.30 30.88
C SER B 87 -3.93 -6.85 30.43
N ILE B 88 -2.81 -6.17 30.24
CA ILE B 88 -2.77 -4.81 29.75
C ILE B 88 -2.04 -4.80 28.41
N ALA B 89 -2.67 -4.25 27.38
CA ALA B 89 -2.06 -4.24 26.06
C ALA B 89 -1.00 -3.17 25.94
N ALA B 90 -1.33 -1.93 26.30
CA ALA B 90 -0.39 -0.83 26.20
C ALA B 90 -0.50 0.08 27.42
N ALA B 91 0.65 0.53 27.91
CA ALA B 91 0.72 1.50 29.01
C ALA B 91 1.85 2.46 28.65
N THR B 92 1.49 3.61 28.08
CA THR B 92 2.46 4.53 27.49
C THR B 92 2.47 5.83 28.25
N GLY B 93 3.67 6.28 28.63
CA GLY B 93 3.86 7.59 29.22
C GLY B 93 3.19 7.81 30.56
N PHE B 94 3.63 7.08 31.58
CA PHE B 94 3.00 7.20 32.89
C PHE B 94 4.07 7.23 33.98
N VAL B 95 3.69 7.79 35.13
CA VAL B 95 4.51 7.81 36.33
C VAL B 95 3.75 7.07 37.42
N LYS B 96 4.35 6.00 37.94
CA LYS B 96 3.71 5.16 38.95
C LYS B 96 4.60 5.11 40.18
N LYS B 97 4.04 5.51 41.32
CA LYS B 97 4.75 5.55 42.60
C LYS B 97 3.89 4.91 43.69
N ASP B 98 3.37 3.72 43.40
CA ASP B 98 2.49 3.04 44.34
C ASP B 98 3.24 2.68 45.63
N GLN B 99 2.53 2.75 46.74
CA GLN B 99 3.10 2.43 48.05
C GLN B 99 2.69 1.03 48.49
N GLY C 14 18.62 38.69 1.19
CA GLY C 14 19.42 38.14 2.26
C GLY C 14 18.61 37.45 3.34
N VAL C 15 19.05 36.25 3.72
CA VAL C 15 18.39 35.46 4.75
C VAL C 15 19.42 35.14 5.82
N VAL C 16 19.13 35.54 7.06
CA VAL C 16 20.06 35.39 8.17
C VAL C 16 19.33 34.73 9.32
N ALA C 17 19.92 33.68 9.88
CA ALA C 17 19.42 33.01 11.08
C ALA C 17 20.57 32.85 12.07
N ALA C 18 20.35 33.29 13.31
CA ALA C 18 21.40 33.28 14.31
C ALA C 18 20.85 32.79 15.65
N ALA C 19 21.73 32.22 16.46
CA ALA C 19 21.38 31.76 17.80
C ALA C 19 22.63 31.83 18.67
N GLU C 20 22.61 32.70 19.67
CA GLU C 20 23.78 32.95 20.51
C GLU C 20 23.43 32.80 21.98
N LYS C 21 24.43 32.38 22.76
CA LYS C 21 24.33 32.28 24.22
C LYS C 21 23.16 31.39 24.65
N THR C 22 23.19 30.15 24.15
CA THR C 22 22.20 29.14 24.49
C THR C 22 22.91 27.90 24.99
N LYS C 23 22.12 26.90 25.40
CA LYS C 23 22.64 25.58 25.73
C LYS C 23 22.45 24.58 24.60
N GLN C 24 21.28 24.59 23.97
CA GLN C 24 21.03 23.82 22.75
C GLN C 24 20.47 24.77 21.72
N GLY C 25 21.16 24.91 20.59
CA GLY C 25 20.74 25.87 19.58
C GLY C 25 20.81 25.35 18.16
N VAL C 26 19.78 25.63 17.37
CA VAL C 26 19.74 25.24 15.97
C VAL C 26 19.43 26.48 15.14
N ALA C 27 20.24 26.72 14.12
CA ALA C 27 20.08 27.86 13.24
C ALA C 27 20.09 27.37 11.79
N GLU C 28 18.95 27.47 11.12
CA GLU C 28 18.82 27.03 9.73
C GLU C 28 18.31 28.18 8.88
N ALA C 29 18.98 28.42 7.76
CA ALA C 29 18.58 29.46 6.82
C ALA C 29 18.55 28.89 5.42
N ALA C 30 17.46 29.13 4.70
CA ALA C 30 17.29 28.62 3.34
C ALA C 30 16.84 29.76 2.44
N GLY C 31 17.53 29.94 1.32
CA GLY C 31 17.18 30.97 0.36
C GLY C 31 15.89 30.65 -0.38
N LYS C 32 15.93 29.61 -1.21
CA LYS C 32 14.76 29.16 -1.94
C LYS C 32 14.56 27.67 -1.70
N THR C 33 13.31 27.27 -1.49
CA THR C 33 12.99 25.87 -1.22
C THR C 33 11.77 25.47 -2.04
N LYS C 34 11.80 24.24 -2.55
CA LYS C 34 10.68 23.70 -3.32
C LYS C 34 10.48 22.26 -2.89
N GLU C 35 9.34 21.97 -2.27
CA GLU C 35 9.02 20.62 -1.84
C GLU C 35 8.60 19.76 -3.03
N GLY C 36 8.58 18.45 -2.80
CA GLY C 36 8.21 17.48 -3.81
C GLY C 36 7.03 16.64 -3.37
N VAL C 37 6.75 15.61 -4.18
CA VAL C 37 5.65 14.70 -3.91
C VAL C 37 6.14 13.59 -2.98
N LEU C 38 5.26 13.15 -2.08
CA LEU C 38 5.60 12.06 -1.19
C LEU C 38 4.34 11.27 -0.86
N TYR C 39 4.48 9.94 -0.81
CA TYR C 39 3.39 9.03 -0.49
C TYR C 39 3.76 8.26 0.78
N VAL C 40 2.85 8.22 1.73
CA VAL C 40 3.05 7.51 3.00
C VAL C 40 1.82 6.65 3.26
N GLY C 41 2.00 5.34 3.16
CA GLY C 41 0.90 4.41 3.43
C GLY C 41 -0.27 4.58 2.50
N SER C 42 -0.02 4.85 1.22
CA SER C 42 -1.06 5.13 0.25
C SER C 42 -1.10 4.06 -0.83
N LYS C 43 -2.27 3.89 -1.43
CA LYS C 43 -2.48 2.95 -2.52
C LYS C 43 -2.99 3.70 -3.75
N THR C 44 -2.47 3.32 -4.92
CA THR C 44 -2.82 3.97 -6.17
C THR C 44 -3.20 2.91 -7.20
N LYS C 45 -4.19 3.24 -8.03
CA LYS C 45 -4.65 2.34 -9.09
C LYS C 45 -4.91 3.18 -10.33
N GLU C 46 -4.04 3.05 -11.33
CA GLU C 46 -4.18 3.77 -12.60
C GLU C 46 -4.26 2.74 -13.73
N GLY C 47 -5.40 2.69 -14.41
CA GLY C 47 -5.60 1.73 -15.48
C GLY C 47 -5.64 0.31 -14.99
N VAL C 48 -6.63 -0.03 -14.17
CA VAL C 48 -6.74 -1.34 -13.54
C VAL C 48 -8.08 -1.94 -13.90
N VAL C 49 -8.07 -3.19 -14.35
CA VAL C 49 -9.28 -3.97 -14.62
C VAL C 49 -9.38 -5.04 -13.55
N HIS C 50 -10.48 -5.05 -12.80
CA HIS C 50 -10.64 -5.93 -11.66
C HIS C 50 -12.01 -6.59 -11.71
N GLY C 51 -12.03 -7.92 -11.57
CA GLY C 51 -13.27 -8.65 -11.42
C GLY C 51 -14.16 -8.68 -12.65
N VAL C 52 -13.72 -9.38 -13.69
CA VAL C 52 -14.50 -9.55 -14.92
C VAL C 52 -14.87 -11.02 -15.05
N ALA C 53 -16.17 -11.29 -15.14
CA ALA C 53 -16.68 -12.65 -15.30
C ALA C 53 -17.61 -12.70 -16.49
N THR C 54 -17.40 -13.69 -17.37
CA THR C 54 -18.19 -13.83 -18.58
C THR C 54 -18.57 -15.30 -18.76
N VAL C 55 -19.84 -15.54 -19.06
CA VAL C 55 -20.36 -16.89 -19.31
C VAL C 55 -21.08 -16.88 -20.65
N ALA C 56 -20.66 -17.76 -21.56
CA ALA C 56 -21.27 -17.91 -22.86
C ALA C 56 -21.54 -19.38 -23.12
N GLU C 57 -22.72 -19.68 -23.66
CA GLU C 57 -23.13 -21.07 -23.89
C GLU C 57 -22.94 -21.51 -25.34
N LYS C 58 -23.62 -20.83 -26.28
CA LYS C 58 -23.56 -21.20 -27.69
C LYS C 58 -23.54 -19.92 -28.50
N THR C 59 -22.34 -19.43 -28.84
CA THR C 59 -22.18 -18.20 -29.60
C THR C 59 -21.64 -18.52 -30.98
N LYS C 60 -22.37 -18.09 -32.01
CA LYS C 60 -21.95 -18.21 -33.40
C LYS C 60 -21.49 -16.85 -33.87
N GLU C 61 -20.24 -16.75 -34.32
CA GLU C 61 -19.64 -15.48 -34.66
C GLU C 61 -18.81 -15.61 -35.93
N GLN C 62 -19.00 -14.69 -36.86
CA GLN C 62 -18.26 -14.65 -38.12
C GLN C 62 -17.65 -13.27 -38.28
N VAL C 63 -16.40 -13.22 -38.74
CA VAL C 63 -15.68 -11.97 -38.95
C VAL C 63 -15.05 -12.01 -40.34
N THR C 64 -15.30 -10.95 -41.13
CA THR C 64 -14.69 -10.79 -42.45
C THR C 64 -13.98 -9.44 -42.45
N ASN C 65 -12.66 -9.46 -42.38
CA ASN C 65 -11.85 -8.27 -42.25
C ASN C 65 -11.02 -8.05 -43.50
N VAL C 66 -11.10 -6.85 -44.07
CA VAL C 66 -10.33 -6.46 -45.25
C VAL C 66 -9.70 -5.11 -44.94
N GLY C 67 -8.43 -5.12 -44.55
CA GLY C 67 -7.70 -3.89 -44.30
C GLY C 67 -8.26 -3.05 -43.18
N GLY C 68 -8.67 -3.69 -42.08
CA GLY C 68 -9.21 -2.97 -40.95
C GLY C 68 -8.70 -3.56 -39.64
N ALA C 69 -9.09 -2.92 -38.55
CA ALA C 69 -8.74 -3.37 -37.21
C ALA C 69 -10.00 -3.83 -36.50
N VAL C 70 -10.02 -5.09 -36.07
CA VAL C 70 -11.17 -5.68 -35.40
C VAL C 70 -10.71 -6.26 -34.07
N VAL C 71 -11.43 -5.92 -33.01
CA VAL C 71 -11.21 -6.49 -31.68
C VAL C 71 -12.44 -7.35 -31.37
N THR C 72 -12.21 -8.63 -31.12
CA THR C 72 -13.29 -9.61 -31.09
C THR C 72 -13.19 -10.46 -29.83
N GLY C 73 -14.34 -10.88 -29.33
CA GLY C 73 -14.40 -11.78 -28.20
C GLY C 73 -14.29 -11.08 -26.86
N VAL C 74 -14.07 -11.87 -25.83
CA VAL C 74 -13.92 -11.36 -24.47
C VAL C 74 -12.55 -10.70 -24.38
N THR C 75 -12.52 -9.38 -24.20
CA THR C 75 -11.29 -8.62 -24.17
C THR C 75 -11.25 -7.77 -22.90
N ALA C 76 -10.15 -7.87 -22.16
CA ALA C 76 -9.91 -7.05 -20.97
C ALA C 76 -8.55 -6.39 -21.14
N VAL C 77 -8.54 -5.08 -21.33
CA VAL C 77 -7.32 -4.33 -21.63
C VAL C 77 -7.15 -3.25 -20.57
N ALA C 78 -5.98 -3.22 -19.95
CA ALA C 78 -5.60 -2.17 -19.01
C ALA C 78 -4.35 -1.48 -19.53
N GLN C 79 -4.42 -0.16 -19.67
CA GLN C 79 -3.35 0.62 -20.28
C GLN C 79 -2.98 1.81 -19.40
N LYS C 80 -1.70 2.18 -19.46
CA LYS C 80 -1.20 3.35 -18.74
C LYS C 80 -0.05 3.93 -19.55
N THR C 81 -0.25 5.10 -20.14
CA THR C 81 0.74 5.75 -20.98
C THR C 81 1.09 7.11 -20.40
N VAL C 82 2.35 7.50 -20.55
CA VAL C 82 2.82 8.78 -20.03
C VAL C 82 2.90 9.80 -21.16
N GLU C 83 3.69 9.50 -22.18
CA GLU C 83 3.85 10.39 -23.33
C GLU C 83 3.50 9.65 -24.63
N GLY C 84 2.40 8.91 -24.61
CA GLY C 84 1.95 8.18 -25.78
C GLY C 84 0.45 8.01 -25.75
N ALA C 85 -0.09 7.50 -26.84
CA ALA C 85 -1.53 7.31 -26.99
C ALA C 85 -1.89 5.85 -26.81
N GLY C 86 -3.02 5.61 -26.14
CA GLY C 86 -3.52 4.27 -25.96
C GLY C 86 -4.76 4.01 -26.79
N SER C 87 -4.67 3.08 -27.74
CA SER C 87 -5.76 2.78 -28.64
C SER C 87 -6.05 1.28 -28.62
N ILE C 88 -7.30 0.92 -28.87
CA ILE C 88 -7.73 -0.46 -28.92
C ILE C 88 -7.83 -0.96 -30.36
N ALA C 89 -8.55 -0.23 -31.21
CA ALA C 89 -8.69 -0.58 -32.62
C ALA C 89 -8.56 0.69 -33.44
N ALA C 90 -7.53 0.76 -34.28
CA ALA C 90 -7.24 1.95 -35.08
C ALA C 90 -6.90 1.52 -36.50
N ALA C 91 -7.81 1.81 -37.43
CA ALA C 91 -7.61 1.55 -38.86
C ALA C 91 -7.41 2.89 -39.55
N THR C 92 -6.15 3.28 -39.71
CA THR C 92 -5.79 4.56 -40.30
C THR C 92 -4.92 4.33 -41.53
N GLY C 93 -4.42 5.41 -42.10
CA GLY C 93 -3.52 5.33 -43.23
C GLY C 93 -2.86 6.66 -43.49
N PHE C 94 -1.66 6.60 -44.07
CA PHE C 94 -0.88 7.77 -44.43
C PHE C 94 -0.61 8.65 -43.21
N VAL C 95 0.15 8.09 -42.27
CA VAL C 95 0.56 8.80 -41.06
C VAL C 95 2.00 9.24 -41.25
N LYS C 96 2.22 10.56 -41.27
CA LYS C 96 3.55 11.13 -41.51
C LYS C 96 3.84 12.21 -40.49
N LYS C 97 5.11 12.37 -40.15
CA LYS C 97 5.57 13.43 -39.25
C LYS C 97 6.76 14.12 -39.91
N ASP C 98 6.71 15.45 -39.97
CA ASP C 98 7.78 16.23 -40.58
C ASP C 98 8.50 17.08 -39.53
N LYS D 21 -24.98 -25.63 21.94
CA LYS D 21 -24.83 -24.95 20.65
C LYS D 21 -24.99 -23.45 20.81
N THR D 22 -23.96 -22.70 20.42
CA THR D 22 -23.96 -21.26 20.55
C THR D 22 -23.03 -20.66 19.51
N LYS D 23 -23.52 -19.65 18.78
CA LYS D 23 -22.73 -18.96 17.77
C LYS D 23 -22.55 -17.51 18.19
N GLN D 24 -21.32 -17.01 18.10
CA GLN D 24 -20.99 -15.64 18.49
C GLN D 24 -19.91 -15.11 17.57
N GLY D 25 -20.21 -14.04 16.85
CA GLY D 25 -19.24 -13.43 15.95
C GLY D 25 -18.81 -14.34 14.82
N VAL D 26 -19.77 -15.01 14.19
CA VAL D 26 -19.50 -15.98 13.13
C VAL D 26 -20.03 -15.42 11.81
N ALA D 27 -19.17 -15.42 10.80
CA ALA D 27 -19.55 -15.03 9.45
C ALA D 27 -19.60 -16.29 8.59
N GLU D 28 -20.78 -16.56 8.01
CA GLU D 28 -21.00 -17.77 7.25
C GLU D 28 -21.53 -17.42 5.86
N ALA D 29 -21.00 -18.08 4.84
CA ALA D 29 -21.41 -17.87 3.47
C ALA D 29 -21.46 -19.21 2.74
N ALA D 30 -22.52 -19.43 1.97
CA ALA D 30 -22.69 -20.65 1.21
C ALA D 30 -23.24 -20.32 -0.17
N GLY D 31 -22.73 -21.02 -1.18
CA GLY D 31 -23.18 -20.80 -2.55
C GLY D 31 -23.16 -22.09 -3.32
N LYS D 32 -24.09 -22.19 -4.28
CA LYS D 32 -24.22 -23.37 -5.11
C LYS D 32 -24.60 -22.96 -6.53
N THR D 33 -24.03 -23.65 -7.51
CA THR D 33 -24.32 -23.39 -8.91
C THR D 33 -23.99 -24.63 -9.72
N LYS D 34 -24.34 -24.59 -11.00
CA LYS D 34 -24.06 -25.68 -11.92
C LYS D 34 -23.03 -25.28 -12.98
N GLU D 35 -23.30 -24.22 -13.73
CA GLU D 35 -22.38 -23.71 -14.74
C GLU D 35 -22.21 -22.21 -14.56
N GLY D 36 -20.97 -21.75 -14.67
CA GLY D 36 -20.67 -20.34 -14.59
C GLY D 36 -19.57 -20.06 -13.59
N VAL D 37 -19.56 -18.84 -13.07
CA VAL D 37 -18.56 -18.38 -12.12
C VAL D 37 -19.23 -18.13 -10.79
N LEU D 38 -18.69 -18.72 -9.72
CA LEU D 38 -19.25 -18.58 -8.39
C LEU D 38 -18.15 -18.12 -7.44
N TYR D 39 -18.48 -17.13 -6.60
CA TYR D 39 -17.54 -16.56 -5.65
C TYR D 39 -18.16 -16.61 -4.26
N VAL D 40 -17.43 -17.18 -3.31
CA VAL D 40 -17.85 -17.25 -1.92
C VAL D 40 -16.73 -16.72 -1.04
N GLY D 41 -17.06 -15.82 -0.13
CA GLY D 41 -16.06 -15.24 0.76
C GLY D 41 -16.66 -14.88 2.09
N SER D 42 -15.83 -14.95 3.13
CA SER D 42 -16.24 -14.58 4.48
C SER D 42 -15.09 -13.85 5.17
N LYS D 43 -15.42 -12.78 5.87
CA LYS D 43 -14.43 -11.98 6.60
C LYS D 43 -14.91 -11.73 8.01
N THR D 44 -13.97 -11.62 8.94
CA THR D 44 -14.26 -11.36 10.34
C THR D 44 -13.22 -10.43 10.91
N LYS D 45 -13.67 -9.36 11.57
CA LYS D 45 -12.80 -8.38 12.21
C LYS D 45 -13.22 -8.21 13.65
N GLU D 46 -12.31 -8.52 14.58
CA GLU D 46 -12.57 -8.39 16.01
C GLU D 46 -11.40 -7.68 16.66
N GLY D 47 -11.67 -6.53 17.27
CA GLY D 47 -10.63 -5.76 17.93
C GLY D 47 -9.53 -5.33 16.98
N VAL D 48 -9.91 -4.68 15.87
CA VAL D 48 -8.99 -4.30 14.82
C VAL D 48 -8.98 -2.78 14.70
N VAL D 49 -7.79 -2.20 14.69
CA VAL D 49 -7.60 -0.77 14.42
C VAL D 49 -7.09 -0.63 12.99
N HIS D 50 -7.83 0.11 12.18
CA HIS D 50 -7.53 0.23 10.76
C HIS D 50 -7.59 1.70 10.33
N GLY D 51 -6.59 2.12 9.55
CA GLY D 51 -6.63 3.43 8.93
C GLY D 51 -6.47 4.61 9.87
N VAL D 52 -5.30 4.78 10.44
CA VAL D 52 -4.99 5.93 11.29
C VAL D 52 -3.93 6.76 10.59
N ALA D 53 -4.26 8.02 10.32
CA ALA D 53 -3.36 8.94 9.63
C ALA D 53 -3.23 10.23 10.42
N THR D 54 -2.00 10.74 10.51
CA THR D 54 -1.72 11.95 11.25
C THR D 54 -0.63 12.73 10.54
N VAL D 55 -0.86 14.04 10.36
CA VAL D 55 0.09 14.93 9.69
C VAL D 55 0.28 16.17 10.55
N ALA D 56 1.53 16.54 10.80
CA ALA D 56 1.87 17.77 11.51
C ALA D 56 2.84 18.57 10.66
N GLU D 57 2.48 19.81 10.33
CA GLU D 57 3.28 20.67 9.47
C GLU D 57 3.52 22.00 10.17
N LYS D 58 4.80 22.38 10.30
CA LYS D 58 5.19 23.66 10.88
C LYS D 58 4.59 23.84 12.27
N THR D 59 4.60 22.76 13.07
CA THR D 59 4.02 22.77 14.39
C THR D 59 5.10 23.02 15.45
N LYS D 60 4.85 23.96 16.34
CA LYS D 60 5.76 24.28 17.43
C LYS D 60 5.21 23.72 18.74
N GLU D 61 6.02 22.96 19.45
CA GLU D 61 5.62 22.34 20.71
C GLU D 61 6.72 22.53 21.73
N GLN D 62 6.40 23.17 22.85
CA GLN D 62 7.33 23.37 23.95
C GLN D 62 6.72 22.77 25.20
N VAL D 63 7.42 21.82 25.81
CA VAL D 63 6.90 21.06 26.95
C VAL D 63 7.90 21.15 28.09
N THR D 64 7.41 21.53 29.27
CA THR D 64 8.19 21.50 30.50
C THR D 64 7.47 20.60 31.49
N ASN D 65 8.12 19.53 31.92
CA ASN D 65 7.51 18.51 32.76
C ASN D 65 8.35 18.33 34.02
N VAL D 66 7.69 18.34 35.18
CA VAL D 66 8.34 18.13 36.47
C VAL D 66 7.50 17.09 37.21
N GLY D 67 7.91 15.82 37.11
CA GLY D 67 7.25 14.76 37.84
C GLY D 67 5.90 14.34 37.31
N GLY D 68 5.52 14.79 36.11
CA GLY D 68 4.25 14.44 35.52
C GLY D 68 4.40 13.54 34.31
N ALA D 69 3.29 13.43 33.57
CA ALA D 69 3.25 12.65 32.34
C ALA D 69 2.66 13.50 31.23
N VAL D 70 3.37 13.57 30.10
CA VAL D 70 2.94 14.33 28.93
C VAL D 70 3.01 13.42 27.72
N VAL D 71 1.92 13.36 26.96
CA VAL D 71 1.82 12.53 25.77
C VAL D 71 1.48 13.42 24.57
N THR D 72 2.25 13.29 23.50
CA THR D 72 2.09 14.12 22.31
C THR D 72 1.95 13.31 21.03
N GLY D 73 2.48 12.08 20.99
CA GLY D 73 2.49 11.29 19.78
C GLY D 73 1.17 10.59 19.51
N VAL D 74 1.22 9.65 18.59
CA VAL D 74 0.05 8.91 18.11
C VAL D 74 0.10 7.50 18.69
N THR D 75 -0.99 7.07 19.29
CA THR D 75 -1.09 5.75 19.91
C THR D 75 -2.26 4.99 19.31
N ALA D 76 -2.01 3.78 18.83
CA ALA D 76 -3.03 2.93 18.25
C ALA D 76 -2.91 1.55 18.89
N VAL D 77 -3.92 1.14 19.65
CA VAL D 77 -3.89 -0.10 20.40
C VAL D 77 -5.12 -0.93 20.02
N ALA D 78 -4.89 -2.20 19.71
CA ALA D 78 -5.97 -3.15 19.44
C ALA D 78 -5.78 -4.38 20.29
N GLN D 79 -6.80 -4.75 21.06
CA GLN D 79 -6.72 -5.88 21.97
C GLN D 79 -7.95 -6.76 21.81
N LYS D 80 -7.73 -8.07 21.72
CA LYS D 80 -8.80 -9.06 21.72
C LYS D 80 -8.49 -10.09 22.79
N THR D 81 -9.42 -10.31 23.72
CA THR D 81 -9.20 -11.24 24.81
C THR D 81 -10.44 -12.12 24.99
N VAL D 82 -10.19 -13.36 25.39
CA VAL D 82 -11.25 -14.33 25.66
C VAL D 82 -11.11 -14.79 27.11
N GLU D 83 -12.21 -14.77 27.85
CA GLU D 83 -12.24 -15.19 29.25
C GLU D 83 -11.25 -14.38 30.09
N GLY D 84 -11.21 -13.07 29.84
CA GLY D 84 -10.32 -12.19 30.58
C GLY D 84 -11.06 -11.07 31.29
N ALA D 85 -11.03 -11.09 32.62
CA ALA D 85 -11.74 -10.11 33.44
C ALA D 85 -10.77 -9.06 33.97
N GLY D 86 -11.19 -7.80 33.91
CA GLY D 86 -10.38 -6.70 34.39
C GLY D 86 -9.27 -6.26 33.46
N SER D 87 -9.28 -6.71 32.21
CA SER D 87 -8.24 -6.33 31.26
C SER D 87 -8.39 -4.88 30.84
N ILE D 88 -7.26 -4.20 30.68
CA ILE D 88 -7.21 -2.82 30.21
C ILE D 88 -6.47 -2.79 28.88
N ALA D 89 -7.08 -2.22 27.86
CA ALA D 89 -6.46 -2.19 26.55
C ALA D 89 -5.38 -1.11 26.46
N ALA D 90 -5.71 0.11 26.85
CA ALA D 90 -4.76 1.22 26.78
C ALA D 90 -4.89 2.10 28.02
N ALA D 91 -3.74 2.53 28.54
CA ALA D 91 -3.69 3.48 29.65
C ALA D 91 -2.55 4.44 29.34
N THR D 92 -2.89 5.60 28.78
CA THR D 92 -1.92 6.53 28.21
C THR D 92 -1.91 7.82 29.00
N GLY D 93 -0.71 8.26 29.42
CA GLY D 93 -0.52 9.55 30.03
C GLY D 93 -1.22 9.74 31.36
N PHE D 94 -0.79 9.00 32.38
CA PHE D 94 -1.44 9.09 33.69
C PHE D 94 -0.39 9.10 34.79
N VAL D 95 -0.78 9.64 35.94
CA VAL D 95 0.03 9.63 37.15
C VAL D 95 -0.75 8.87 38.21
N LYS D 96 -0.17 7.79 38.72
CA LYS D 96 -0.82 6.93 39.70
C LYS D 96 0.05 6.85 40.95
N LYS D 97 -0.52 7.22 42.09
CA LYS D 97 0.16 7.23 43.39
C LYS D 97 -0.72 6.58 44.44
N ASP D 98 -1.24 5.40 44.13
CA ASP D 98 -2.13 4.70 45.04
C ASP D 98 -1.40 4.31 46.32
N GLN D 99 -2.12 4.37 47.43
CA GLN D 99 -1.57 4.02 48.74
C GLN D 99 -1.99 2.61 49.15
N GLY E 14 26.31 33.72 -2.14
CA GLY E 14 27.15 33.22 -1.08
C GLY E 14 26.37 32.57 0.05
N VAL E 15 26.82 31.39 0.46
CA VAL E 15 26.20 30.63 1.55
C VAL E 15 27.26 30.37 2.60
N VAL E 16 27.02 30.82 3.83
CA VAL E 16 27.98 30.72 4.92
C VAL E 16 27.28 30.09 6.12
N ALA E 17 27.91 29.07 6.71
CA ALA E 17 27.44 28.45 7.95
C ALA E 17 28.62 28.34 8.90
N ALA E 18 28.43 28.83 10.13
CA ALA E 18 29.51 28.87 11.11
C ALA E 18 29.00 28.43 12.47
N ALA E 19 29.91 27.91 13.28
CA ALA E 19 29.60 27.50 14.65
C ALA E 19 30.87 27.61 15.47
N GLU E 20 30.87 28.52 16.46
CA GLU E 20 32.06 28.82 17.24
C GLU E 20 31.76 28.72 18.72
N LYS E 21 32.78 28.34 19.49
CA LYS E 21 32.72 28.30 20.95
C LYS E 21 31.58 27.42 21.45
N THR E 22 31.60 26.17 21.00
CA THR E 22 30.63 25.16 21.42
C THR E 22 31.36 23.94 21.95
N LYS E 23 30.59 22.95 22.41
CA LYS E 23 31.13 21.65 22.79
C LYS E 23 30.92 20.61 21.70
N GLN E 24 29.74 20.57 21.10
CA GLN E 24 29.46 19.76 19.93
C GLN E 24 28.86 20.66 18.86
N GLY E 25 29.51 20.77 17.72
CA GLY E 25 29.06 21.68 16.68
C GLY E 25 29.10 21.10 15.28
N VAL E 26 28.05 21.34 14.51
CA VAL E 26 27.95 20.89 13.13
C VAL E 26 27.63 22.10 12.27
N ALA E 27 28.41 22.30 11.21
CA ALA E 27 28.19 23.41 10.28
C ALA E 27 28.18 22.85 8.87
N GLU E 28 27.02 22.91 8.21
CA GLU E 28 26.85 22.42 6.85
C GLU E 28 26.30 23.53 5.98
N ALA E 29 26.93 23.74 4.82
CA ALA E 29 26.50 24.73 3.86
C ALA E 29 26.45 24.10 2.48
N ALA E 30 25.33 24.29 1.78
CA ALA E 30 25.13 23.74 0.45
C ALA E 30 24.64 24.83 -0.49
N GLY E 31 25.31 24.97 -1.64
CA GLY E 31 24.92 25.96 -2.62
C GLY E 31 23.61 25.60 -3.31
N LYS E 32 23.63 24.53 -4.09
CA LYS E 32 22.45 24.04 -4.78
C LYS E 32 22.27 22.56 -4.47
N THR E 33 21.03 22.15 -4.21
CA THR E 33 20.72 20.77 -3.86
C THR E 33 19.49 20.33 -4.64
N LYS E 34 19.51 19.09 -5.11
CA LYS E 34 18.38 18.50 -5.82
C LYS E 34 18.20 17.07 -5.33
N GLU E 35 17.09 16.81 -4.66
CA GLU E 35 16.80 15.47 -4.16
C GLU E 35 16.35 14.56 -5.31
N GLY E 36 16.35 13.25 -5.02
CA GLY E 36 15.96 12.25 -5.98
C GLY E 36 14.79 11.40 -5.47
N VAL E 37 14.51 10.35 -6.24
CA VAL E 37 13.42 9.44 -5.91
C VAL E 37 13.94 8.38 -4.95
N LEU E 38 13.09 7.97 -3.99
CA LEU E 38 13.46 6.91 -3.07
C LEU E 38 12.22 6.12 -2.68
N TYR E 39 12.38 4.80 -2.59
CA TYR E 39 11.31 3.89 -2.19
C TYR E 39 11.72 3.18 -0.91
N VAL E 40 10.82 3.18 0.08
CA VAL E 40 11.08 2.53 1.37
C VAL E 40 9.87 1.66 1.70
N GLY E 41 10.05 0.35 1.65
CA GLY E 41 8.97 -0.57 1.98
C GLY E 41 7.76 -0.45 1.08
N SER E 42 7.99 -0.23 -0.22
CA SER E 42 6.92 0.00 -1.16
C SER E 42 6.85 -1.11 -2.20
N LYS E 43 5.66 -1.32 -2.77
CA LYS E 43 5.44 -2.30 -3.81
C LYS E 43 4.89 -1.62 -5.04
N THR E 44 5.38 -2.04 -6.21
CA THR E 44 4.98 -1.44 -7.48
C THR E 44 4.59 -2.54 -8.45
N LYS E 45 3.57 -2.25 -9.27
CA LYS E 45 3.09 -3.19 -10.28
C LYS E 45 2.77 -2.41 -11.55
N GLU E 46 3.63 -2.57 -12.57
CA GLU E 46 3.45 -1.91 -13.86
C GLU E 46 3.35 -2.98 -14.94
N GLY E 47 2.19 -3.07 -15.59
CA GLY E 47 1.97 -4.06 -16.61
C GLY E 47 1.96 -5.47 -16.06
N VAL E 48 0.98 -5.78 -15.20
CA VAL E 48 0.90 -7.07 -14.52
C VAL E 48 -0.45 -7.70 -14.81
N VAL E 49 -0.43 -8.97 -15.21
CA VAL E 49 -1.64 -9.76 -15.41
C VAL E 49 -1.70 -10.80 -14.31
N HIS E 50 -2.78 -10.77 -13.52
CA HIS E 50 -2.91 -11.60 -12.34
C HIS E 50 -4.27 -12.28 -12.33
N GLY E 51 -4.27 -13.60 -12.14
CA GLY E 51 -5.50 -14.33 -11.91
C GLY E 51 -6.42 -14.42 -13.11
N VAL E 52 -6.02 -15.17 -14.13
CA VAL E 52 -6.82 -15.38 -15.34
C VAL E 52 -7.18 -16.87 -15.40
N ALA E 53 -8.48 -17.16 -15.44
CA ALA E 53 -8.97 -18.52 -15.53
C ALA E 53 -9.94 -18.63 -16.69
N THR E 54 -9.74 -19.65 -17.53
CA THR E 54 -10.57 -19.85 -18.71
C THR E 54 -10.94 -21.32 -18.83
N VAL E 55 -12.22 -21.59 -19.08
CA VAL E 55 -12.73 -22.94 -19.26
C VAL E 55 -13.49 -23.00 -20.58
N ALA E 56 -13.08 -23.90 -21.46
CA ALA E 56 -13.73 -24.12 -22.74
C ALA E 56 -14.00 -25.60 -22.93
N GLU E 57 -15.19 -25.94 -23.43
CA GLU E 57 -15.59 -27.34 -23.59
C GLU E 57 -15.45 -27.83 -25.02
N LYS E 58 -16.14 -27.19 -25.97
CA LYS E 58 -16.13 -27.62 -27.37
C LYS E 58 -16.14 -26.36 -28.23
N THR E 59 -14.96 -25.90 -28.63
CA THR E 59 -14.83 -24.69 -29.43
C THR E 59 -14.32 -25.06 -30.82
N LYS E 60 -15.09 -24.68 -31.84
CA LYS E 60 -14.71 -24.86 -33.24
C LYS E 60 -14.28 -23.51 -33.78
N GLU E 61 -13.04 -23.42 -34.27
CA GLU E 61 -12.46 -22.15 -34.67
C GLU E 61 -11.66 -22.34 -35.96
N GLN E 62 -11.89 -21.44 -36.92
CA GLN E 62 -11.18 -21.45 -38.19
C GLN E 62 -10.58 -20.08 -38.44
N VAL E 63 -9.35 -20.05 -38.93
CA VAL E 63 -8.65 -18.80 -39.21
C VAL E 63 -8.07 -18.88 -40.61
N THR E 64 -8.34 -17.87 -41.44
CA THR E 64 -7.77 -17.74 -42.78
C THR E 64 -7.08 -16.39 -42.86
N ASN E 65 -5.75 -16.40 -42.83
CA ASN E 65 -4.95 -15.19 -42.77
C ASN E 65 -4.15 -15.02 -44.05
N VAL E 66 -4.26 -13.85 -44.66
CA VAL E 66 -3.53 -13.51 -45.88
C VAL E 66 -2.90 -12.14 -45.64
N GLY E 67 -1.62 -12.13 -45.29
CA GLY E 67 -0.90 -10.88 -45.12
C GLY E 67 -1.43 -10.00 -44.01
N GLY E 68 -1.80 -10.59 -42.87
CA GLY E 68 -2.32 -9.84 -41.75
C GLY E 68 -1.77 -10.36 -40.44
N ALA E 69 -2.13 -9.69 -39.36
CA ALA E 69 -1.74 -10.08 -38.01
C ALA E 69 -2.98 -10.52 -37.25
N VAL E 70 -2.97 -11.75 -36.77
CA VAL E 70 -4.10 -12.34 -36.05
C VAL E 70 -3.59 -12.85 -34.71
N VAL E 71 -4.28 -12.47 -33.63
CA VAL E 71 -4.04 -12.99 -32.30
C VAL E 71 -5.24 -13.84 -31.91
N THR E 72 -4.99 -15.11 -31.62
CA THR E 72 -6.06 -16.10 -31.52
C THR E 72 -5.91 -16.90 -30.23
N GLY E 73 -7.05 -17.30 -29.68
CA GLY E 73 -7.07 -18.16 -28.51
C GLY E 73 -6.94 -17.40 -27.22
N VAL E 74 -6.67 -18.16 -26.15
CA VAL E 74 -6.48 -17.58 -24.82
C VAL E 74 -5.12 -16.91 -24.80
N THR E 75 -5.10 -15.59 -24.67
CA THR E 75 -3.87 -14.81 -24.71
C THR E 75 -3.80 -13.91 -23.47
N ALA E 76 -2.69 -13.97 -22.77
CA ALA E 76 -2.42 -13.10 -21.62
C ALA E 76 -1.07 -12.45 -21.84
N VAL E 77 -1.09 -11.13 -22.10
CA VAL E 77 0.12 -10.38 -22.45
C VAL E 77 0.31 -9.26 -21.45
N ALA E 78 1.50 -9.21 -20.86
CA ALA E 78 1.90 -8.11 -19.98
C ALA E 78 3.12 -7.43 -20.56
N GLN E 79 3.04 -6.12 -20.75
CA GLN E 79 4.09 -5.37 -21.43
C GLN E 79 4.47 -4.14 -20.61
N LYS E 80 5.74 -3.76 -20.71
CA LYS E 80 6.25 -2.55 -20.05
C LYS E 80 7.38 -2.00 -20.93
N THR E 81 7.14 -0.85 -21.54
CA THR E 81 8.10 -0.23 -22.44
C THR E 81 8.47 1.15 -21.92
N VAL E 82 9.72 1.55 -22.13
CA VAL E 82 10.19 2.85 -21.68
C VAL E 82 10.22 3.83 -22.85
N GLU E 83 10.99 3.50 -23.88
CA GLU E 83 11.11 4.33 -25.07
C GLU E 83 10.73 3.54 -26.33
N GLY E 84 9.65 2.79 -26.25
CA GLY E 84 9.16 2.01 -27.38
C GLY E 84 7.66 1.83 -27.29
N ALA E 85 7.10 1.27 -28.34
CA ALA E 85 5.66 1.07 -28.45
C ALA E 85 5.31 -0.38 -28.19
N GLY E 86 4.20 -0.61 -27.49
CA GLY E 86 3.71 -1.95 -27.23
C GLY E 86 2.46 -2.25 -28.02
N SER E 87 2.54 -3.21 -28.94
CA SER E 87 1.42 -3.57 -29.80
C SER E 87 1.15 -5.07 -29.70
N ILE E 88 -0.11 -5.43 -29.90
CA ILE E 88 -0.53 -6.83 -29.89
C ILE E 88 -0.66 -7.39 -31.30
N ALA E 89 -1.41 -6.69 -32.16
CA ALA E 89 -1.58 -7.10 -33.54
C ALA E 89 -1.49 -5.87 -34.43
N ALA E 90 -0.48 -5.82 -35.30
CA ALA E 90 -0.23 -4.67 -36.15
C ALA E 90 0.07 -5.16 -37.56
N ALA E 91 -0.86 -4.90 -38.48
CA ALA E 91 -0.70 -5.23 -39.90
C ALA E 91 -0.53 -3.91 -40.65
N THR E 92 0.72 -3.51 -40.85
CA THR E 92 1.05 -2.26 -41.51
C THR E 92 1.89 -2.53 -42.76
N GLY E 93 2.37 -1.46 -43.38
CA GLY E 93 3.23 -1.59 -44.54
C GLY E 93 3.87 -0.26 -44.86
N PHE E 94 5.05 -0.35 -45.47
CA PHE E 94 5.81 0.82 -45.91
C PHE E 94 6.11 1.76 -44.73
N VAL E 95 6.90 1.24 -43.79
CA VAL E 95 7.34 2.00 -42.62
C VAL E 95 8.77 2.45 -42.87
N LYS E 96 8.98 3.76 -42.95
CA LYS E 96 10.29 4.32 -43.24
C LYS E 96 10.59 5.47 -42.28
N LYS E 97 11.88 5.64 -41.98
CA LYS E 97 12.36 6.74 -41.14
C LYS E 97 13.51 7.41 -41.86
N ASP E 98 13.44 8.74 -41.98
CA ASP E 98 14.50 9.49 -42.65
C ASP E 98 15.24 10.38 -41.66
N LYS F 21 -16.11 -30.03 22.42
CA LYS F 21 -16.01 -29.42 21.10
C LYS F 21 -16.17 -27.91 21.20
N THR F 22 -15.15 -27.16 20.75
CA THR F 22 -15.16 -25.72 20.84
C THR F 22 -14.27 -25.16 19.73
N LYS F 23 -14.79 -24.19 18.98
CA LYS F 23 -14.04 -23.53 17.92
C LYS F 23 -13.86 -22.06 18.28
N GLN F 24 -12.64 -21.55 18.13
CA GLN F 24 -12.31 -20.17 18.46
C GLN F 24 -11.26 -19.67 17.48
N GLY F 25 -11.59 -18.63 16.73
CA GLY F 25 -10.65 -18.05 15.78
C GLY F 25 -10.25 -19.00 14.68
N VAL F 26 -11.21 -19.70 14.11
CA VAL F 26 -10.97 -20.72 13.08
C VAL F 26 -11.54 -20.22 11.76
N ALA F 27 -10.71 -20.25 10.72
CA ALA F 27 -11.13 -19.92 9.36
C ALA F 27 -11.21 -21.21 8.56
N GLU F 28 -12.38 -21.51 8.03
CA GLU F 28 -12.62 -22.76 7.31
C GLU F 28 -13.20 -22.46 5.93
N ALA F 29 -12.68 -23.17 4.93
CA ALA F 29 -13.13 -23.02 3.55
C ALA F 29 -13.19 -24.38 2.88
N ALA F 30 -14.27 -24.64 2.15
CA ALA F 30 -14.45 -25.89 1.45
C ALA F 30 -15.03 -25.61 0.07
N GLY F 31 -14.55 -26.35 -0.92
CA GLY F 31 -15.04 -26.20 -2.28
C GLY F 31 -15.03 -27.52 -3.01
N LYS F 32 -15.98 -27.67 -3.92
CA LYS F 32 -16.14 -28.88 -4.71
C LYS F 32 -16.55 -28.53 -6.12
N THR F 33 -16.00 -29.26 -7.10
CA THR F 33 -16.33 -29.05 -8.50
C THR F 33 -16.02 -30.32 -9.26
N LYS F 34 -16.40 -30.33 -10.54
CA LYS F 34 -16.14 -31.46 -11.42
C LYS F 34 -15.15 -31.10 -12.52
N GLU F 35 -15.44 -30.06 -13.31
CA GLU F 35 -14.56 -29.60 -14.36
C GLU F 35 -14.40 -28.09 -14.25
N GLY F 36 -13.16 -27.62 -14.42
CA GLY F 36 -12.87 -26.20 -14.40
C GLY F 36 -11.75 -25.88 -13.45
N VAL F 37 -11.74 -24.64 -12.97
CA VAL F 37 -10.72 -24.14 -12.07
C VAL F 37 -11.35 -23.83 -10.73
N LEU F 38 -10.78 -24.38 -9.66
CA LEU F 38 -11.30 -24.19 -8.31
C LEU F 38 -10.18 -23.69 -7.41
N TYR F 39 -10.49 -22.67 -6.61
CA TYR F 39 -9.53 -22.04 -5.71
C TYR F 39 -10.11 -22.04 -4.30
N VAL F 40 -9.35 -22.57 -3.35
CA VAL F 40 -9.74 -22.59 -1.94
C VAL F 40 -8.59 -22.01 -1.13
N GLY F 41 -8.90 -21.07 -0.24
CA GLY F 41 -7.89 -20.46 0.59
C GLY F 41 -8.45 -20.04 1.93
N SER F 42 -7.60 -20.06 2.95
CA SER F 42 -7.96 -19.64 4.29
C SER F 42 -6.80 -18.88 4.92
N LYS F 43 -7.11 -17.77 5.58
CA LYS F 43 -6.12 -16.95 6.24
C LYS F 43 -6.57 -16.63 7.66
N THR F 44 -5.59 -16.49 8.55
CA THR F 44 -5.85 -16.18 9.95
C THR F 44 -4.80 -15.21 10.45
N LYS F 45 -5.25 -14.13 11.09
CA LYS F 45 -4.37 -13.11 11.65
C LYS F 45 -4.75 -12.88 13.11
N GLU F 46 -3.81 -13.14 14.02
CA GLU F 46 -4.04 -12.97 15.44
C GLU F 46 -2.85 -12.22 16.03
N GLY F 47 -3.11 -11.04 16.60
CA GLY F 47 -2.06 -10.24 17.20
C GLY F 47 -1.00 -9.83 16.20
N VAL F 48 -1.41 -9.24 15.09
CA VAL F 48 -0.52 -8.89 13.99
C VAL F 48 -0.53 -7.38 13.80
N VAL F 49 0.66 -6.79 13.74
CA VAL F 49 0.83 -5.37 13.42
C VAL F 49 1.30 -5.28 11.97
N HIS F 50 0.53 -4.58 11.14
CA HIS F 50 0.78 -4.52 9.71
C HIS F 50 0.70 -3.08 9.23
N GLY F 51 1.67 -2.68 8.40
CA GLY F 51 1.61 -1.40 7.73
C GLY F 51 1.77 -0.17 8.62
N VAL F 52 2.97 0.02 9.16
CA VAL F 52 3.29 1.21 9.95
C VAL F 52 4.32 2.02 9.17
N ALA F 53 3.98 3.27 8.87
CA ALA F 53 4.85 4.16 8.11
C ALA F 53 4.98 5.49 8.84
N THR F 54 6.20 6.00 8.88
CA THR F 54 6.50 7.26 9.56
C THR F 54 7.57 8.02 8.79
N VAL F 55 7.32 9.31 8.56
CA VAL F 55 8.25 10.18 7.84
C VAL F 55 8.45 11.45 8.64
N ALA F 56 9.70 11.85 8.83
CA ALA F 56 10.05 13.11 9.48
C ALA F 56 10.98 13.87 8.57
N GLU F 57 10.60 15.10 8.21
CA GLU F 57 11.37 15.93 7.30
C GLU F 57 11.62 17.30 7.92
N LYS F 58 12.89 17.68 8.01
CA LYS F 58 13.30 18.99 8.53
C LYS F 58 12.74 19.23 9.94
N THR F 59 12.78 18.19 10.76
CA THR F 59 12.23 18.24 12.11
C THR F 59 13.34 18.54 13.12
N LYS F 60 13.10 19.51 13.98
CA LYS F 60 14.04 19.88 15.03
C LYS F 60 13.53 19.38 16.36
N GLU F 61 14.37 18.65 17.09
CA GLU F 61 14.01 18.08 18.38
C GLU F 61 15.14 18.31 19.36
N GLN F 62 14.84 19.00 20.46
CA GLN F 62 15.80 19.25 21.53
C GLN F 62 15.22 18.70 22.82
N VAL F 63 15.96 17.77 23.45
CA VAL F 63 15.48 17.06 24.62
C VAL F 63 16.50 17.21 25.74
N THR F 64 16.05 17.63 26.91
CA THR F 64 16.87 17.66 28.13
C THR F 64 16.18 16.80 29.17
N ASN F 65 16.85 15.74 29.61
CA ASN F 65 16.28 14.76 30.52
C ASN F 65 17.15 14.63 31.76
N VAL F 66 16.52 14.68 32.93
CA VAL F 66 17.21 14.54 34.22
C VAL F 66 16.41 13.52 35.03
N GLY F 67 16.82 12.25 34.96
CA GLY F 67 16.19 11.22 35.75
C GLY F 67 14.83 10.76 35.28
N GLY F 68 14.42 11.16 34.08
CA GLY F 68 13.13 10.77 33.53
C GLY F 68 13.24 9.83 32.36
N ALA F 69 12.13 9.68 31.65
CA ALA F 69 12.05 8.84 30.46
C ALA F 69 11.42 9.64 29.32
N VAL F 70 12.11 9.68 28.18
CA VAL F 70 11.64 10.39 27.00
C VAL F 70 11.67 9.43 25.82
N VAL F 71 10.56 9.33 25.09
CA VAL F 71 10.45 8.45 23.93
C VAL F 71 10.06 9.28 22.73
N THR F 72 10.80 9.12 21.63
CA THR F 72 10.61 9.90 20.43
C THR F 72 10.43 9.05 19.18
N GLY F 73 10.96 7.82 19.17
CA GLY F 73 10.95 6.99 17.99
C GLY F 73 9.63 6.26 17.79
N VAL F 74 9.67 5.27 16.90
CA VAL F 74 8.49 4.52 16.50
C VAL F 74 8.57 3.12 17.12
N THR F 75 7.49 2.71 17.78
CA THR F 75 7.43 1.42 18.44
C THR F 75 6.25 0.63 17.92
N ALA F 76 6.50 -0.60 17.48
CA ALA F 76 5.47 -1.49 16.96
C ALA F 76 5.62 -2.84 17.65
N VAL F 77 4.64 -3.22 18.46
CA VAL F 77 4.69 -4.44 19.26
C VAL F 77 3.47 -5.28 18.94
N ALA F 78 3.69 -6.57 18.68
CA ALA F 78 2.61 -7.54 18.47
C ALA F 78 2.85 -8.73 19.37
N GLN F 79 1.85 -9.07 20.18
CA GLN F 79 1.96 -10.17 21.13
C GLN F 79 0.73 -11.07 21.04
N LYS F 80 0.96 -12.38 21.00
CA LYS F 80 -0.11 -13.36 21.08
C LYS F 80 0.26 -14.35 22.18
N THR F 81 -0.65 -14.54 23.14
CA THR F 81 -0.40 -15.42 24.26
C THR F 81 -1.61 -16.30 24.51
N VAL F 82 -1.34 -17.53 24.95
CA VAL F 82 -2.38 -18.49 25.29
C VAL F 82 -2.19 -18.89 26.75
N GLU F 83 -3.28 -18.85 27.52
CA GLU F 83 -3.27 -19.21 28.94
C GLU F 83 -2.26 -18.36 29.72
N GLY F 84 -2.23 -17.06 29.41
CA GLY F 84 -1.34 -16.14 30.09
C GLY F 84 -2.06 -15.01 30.77
N ALA F 85 -2.01 -14.96 32.11
CA ALA F 85 -2.70 -13.96 32.89
C ALA F 85 -1.72 -12.89 33.36
N GLY F 86 -2.15 -11.63 33.26
CA GLY F 86 -1.33 -10.51 33.67
C GLY F 86 -0.26 -10.10 32.70
N SER F 87 -0.30 -10.59 31.46
CA SER F 87 0.71 -10.25 30.48
C SER F 87 0.53 -8.82 30.00
N ILE F 88 1.66 -8.13 29.78
CA ILE F 88 1.68 -6.78 29.25
C ILE F 88 2.39 -6.80 27.91
N ALA F 89 1.73 -6.27 26.87
CA ALA F 89 2.33 -6.29 25.55
C ALA F 89 3.38 -5.21 25.39
N ALA F 90 3.06 -3.97 25.73
CA ALA F 90 3.99 -2.87 25.60
C ALA F 90 3.89 -1.93 26.79
N ALA F 91 5.04 -1.47 27.27
CA ALA F 91 5.13 -0.48 28.34
C ALA F 91 6.25 0.48 27.95
N THR F 92 5.88 1.62 27.36
CA THR F 92 6.83 2.53 26.73
C THR F 92 6.85 3.86 27.47
N GLY F 93 8.05 4.31 27.83
CA GLY F 93 8.24 5.64 28.38
C GLY F 93 7.59 5.87 29.73
N PHE F 94 8.05 5.17 30.77
CA PHE F 94 7.44 5.31 32.08
C PHE F 94 8.52 5.37 33.15
N VAL F 95 8.15 5.96 34.29
CA VAL F 95 9.00 6.00 35.47
C VAL F 95 8.25 5.28 36.59
N LYS F 96 8.87 4.22 37.13
CA LYS F 96 8.24 3.40 38.16
C LYS F 96 9.15 3.37 39.39
N LYS F 97 8.60 3.80 40.53
CA LYS F 97 9.33 3.86 41.79
C LYS F 97 8.49 3.25 42.90
N ASP F 98 7.97 2.04 42.65
CA ASP F 98 7.11 1.38 43.62
C ASP F 98 7.87 1.05 44.89
N GLN F 99 7.18 1.14 46.02
CA GLN F 99 7.78 0.85 47.32
C GLN F 99 7.38 -0.54 47.80
N GLY G 14 14.75 41.14 2.84
CA GLY G 14 15.54 40.58 3.92
C GLY G 14 14.72 39.87 4.97
N VAL G 15 15.14 38.66 5.34
CA VAL G 15 14.46 37.85 6.34
C VAL G 15 15.48 37.50 7.42
N VAL G 16 15.17 37.88 8.66
CA VAL G 16 16.08 37.70 9.78
C VAL G 16 15.33 37.01 10.92
N ALA G 17 15.92 35.95 11.46
CA ALA G 17 15.40 35.27 12.63
C ALA G 17 16.53 35.09 13.64
N ALA G 18 16.29 35.49 14.88
CA ALA G 18 17.33 35.46 15.90
C ALA G 18 16.75 34.95 17.21
N ALA G 19 17.62 34.36 18.03
CA ALA G 19 17.26 33.88 19.35
C ALA G 19 18.49 33.92 20.24
N GLU G 20 18.45 34.77 21.26
CA GLU G 20 19.62 35.00 22.12
C GLU G 20 19.25 34.82 23.58
N LYS G 21 20.23 34.38 24.37
CA LYS G 21 20.11 34.26 25.82
C LYS G 21 18.94 33.36 26.22
N THR G 22 18.96 32.13 25.70
CA THR G 22 17.97 31.12 26.01
C THR G 22 18.67 29.85 26.49
N LYS G 23 17.86 28.86 26.87
CA LYS G 23 18.37 27.53 27.17
C LYS G 23 18.20 26.56 26.02
N GLN G 24 17.04 26.58 25.37
CA GLN G 24 16.80 25.84 24.14
C GLN G 24 16.25 26.81 23.12
N GLY G 25 16.97 26.98 22.00
CA GLY G 25 16.56 27.95 21.01
C GLY G 25 16.65 27.46 19.57
N VAL G 26 15.63 27.76 18.78
CA VAL G 26 15.61 27.39 17.37
C VAL G 26 15.32 28.66 16.57
N ALA G 27 16.15 28.92 15.55
CA ALA G 27 15.99 30.07 14.69
C ALA G 27 16.03 29.60 13.24
N GLU G 28 14.90 29.72 12.56
CA GLU G 28 14.79 29.32 11.15
C GLU G 28 14.29 30.48 10.32
N ALA G 29 14.97 30.75 9.22
CA ALA G 29 14.59 31.81 8.29
C ALA G 29 14.59 31.26 6.88
N ALA G 30 13.50 31.51 6.15
CA ALA G 30 13.35 31.04 4.77
C ALA G 30 12.92 32.20 3.89
N GLY G 31 13.63 32.40 2.79
CA GLY G 31 13.29 33.45 1.85
C GLY G 31 12.02 33.15 1.08
N LYS G 32 12.06 32.13 0.23
CA LYS G 32 10.90 31.69 -0.53
C LYS G 32 10.70 30.20 -0.32
N THR G 33 9.44 29.80 -0.13
CA THR G 33 9.11 28.41 0.10
C THR G 33 7.90 28.03 -0.74
N LYS G 34 7.93 26.81 -1.28
CA LYS G 34 6.82 26.29 -2.08
C LYS G 34 6.61 24.84 -1.69
N GLU G 35 5.45 24.55 -1.08
CA GLU G 35 5.13 23.19 -0.68
C GLU G 35 4.72 22.35 -1.89
N GLY G 36 4.69 21.03 -1.69
CA GLY G 36 4.33 20.09 -2.72
C GLY G 36 3.14 19.24 -2.32
N VAL G 37 2.88 18.24 -3.16
CA VAL G 37 1.77 17.32 -2.93
C VAL G 37 2.23 16.20 -2.01
N LEU G 38 1.34 15.74 -1.13
CA LEU G 38 1.66 14.63 -0.25
C LEU G 38 0.39 13.83 0.04
N TYR G 39 0.53 12.50 0.07
CA TYR G 39 -0.56 11.59 0.36
C TYR G 39 -0.22 10.79 1.61
N VAL G 40 -1.15 10.74 2.55
CA VAL G 40 -0.96 10.02 3.81
C VAL G 40 -2.19 9.14 4.03
N GLY G 41 -2.03 7.83 3.91
CA GLY G 41 -3.13 6.91 4.14
C GLY G 41 -4.29 7.11 3.19
N SER G 42 -4.02 7.40 1.93
CA SER G 42 -5.04 7.71 0.94
C SER G 42 -5.07 6.65 -0.14
N LYS G 43 -6.24 6.50 -0.78
CA LYS G 43 -6.44 5.58 -1.88
C LYS G 43 -6.92 6.34 -3.10
N THR G 44 -6.39 5.99 -4.26
CA THR G 44 -6.72 6.67 -5.51
C THR G 44 -7.09 5.64 -6.57
N LYS G 45 -8.06 5.99 -7.41
CA LYS G 45 -8.52 5.12 -8.49
C LYS G 45 -8.75 5.98 -9.73
N GLU G 46 -7.87 5.87 -10.71
CA GLU G 46 -7.98 6.61 -11.97
C GLU G 46 -8.05 5.61 -13.12
N GLY G 47 -9.18 5.58 -13.81
CA GLY G 47 -9.37 4.65 -14.90
C GLY G 47 -9.42 3.21 -14.44
N VAL G 48 -10.43 2.86 -13.65
CA VAL G 48 -10.56 1.54 -13.05
C VAL G 48 -11.90 0.94 -13.44
N VAL G 49 -11.88 -0.30 -13.91
CA VAL G 49 -13.09 -1.05 -14.21
C VAL G 49 -13.20 -2.16 -13.17
N HIS G 50 -14.32 -2.17 -12.43
CA HIS G 50 -14.50 -3.07 -11.31
C HIS G 50 -15.87 -3.73 -11.39
N GLY G 51 -15.89 -5.06 -11.28
CA GLY G 51 -17.15 -5.79 -11.17
C GLY G 51 -18.01 -5.79 -12.41
N VAL G 52 -17.57 -6.48 -13.45
CA VAL G 52 -18.32 -6.61 -14.69
C VAL G 52 -18.70 -8.07 -14.87
N ALA G 53 -20.00 -8.34 -14.98
CA ALA G 53 -20.51 -9.69 -15.17
C ALA G 53 -21.43 -9.72 -16.38
N THR G 54 -21.21 -10.69 -17.27
CA THR G 54 -21.99 -10.80 -18.49
C THR G 54 -22.37 -12.26 -18.72
N VAL G 55 -23.64 -12.49 -19.03
CA VAL G 55 -24.15 -13.82 -19.32
C VAL G 55 -24.85 -13.79 -20.67
N ALA G 56 -24.42 -14.65 -21.59
CA ALA G 56 -25.01 -14.78 -22.90
C ALA G 56 -25.29 -16.25 -23.20
N GLU G 57 -26.46 -16.53 -23.76
CA GLU G 57 -26.88 -17.91 -24.02
C GLU G 57 -26.67 -18.32 -25.47
N LYS G 58 -27.33 -17.62 -26.41
CA LYS G 58 -27.25 -17.96 -27.84
C LYS G 58 -27.22 -16.66 -28.62
N THR G 59 -26.02 -16.18 -28.93
CA THR G 59 -25.83 -14.94 -29.65
C THR G 59 -25.28 -15.22 -31.04
N LYS G 60 -25.99 -14.77 -32.07
CA LYS G 60 -25.56 -14.87 -33.46
C LYS G 60 -25.08 -13.49 -33.89
N GLU G 61 -23.83 -13.39 -34.32
CA GLU G 61 -23.21 -12.11 -34.63
C GLU G 61 -22.36 -12.23 -35.88
N GLN G 62 -22.53 -11.28 -36.80
CA GLN G 62 -21.78 -11.22 -38.04
C GLN G 62 -21.16 -9.84 -38.18
N VAL G 63 -19.90 -9.79 -38.61
CA VAL G 63 -19.18 -8.54 -38.80
C VAL G 63 -18.53 -8.55 -40.17
N THR G 64 -18.76 -7.48 -40.94
CA THR G 64 -18.13 -7.29 -42.25
C THR G 64 -17.42 -5.94 -42.21
N ASN G 65 -16.10 -5.97 -42.13
CA ASN G 65 -15.28 -4.78 -41.96
C ASN G 65 -14.43 -4.54 -43.20
N VAL G 66 -14.51 -3.33 -43.74
CA VAL G 66 -13.72 -2.92 -44.90
C VAL G 66 -13.08 -1.59 -44.56
N GLY G 67 -11.81 -1.62 -44.15
CA GLY G 67 -11.09 -0.38 -43.87
C GLY G 67 -11.66 0.43 -42.73
N GLY G 68 -12.09 -0.22 -41.65
CA GLY G 68 -12.64 0.47 -40.50
C GLY G 68 -12.15 -0.14 -39.22
N ALA G 69 -12.55 0.47 -38.11
CA ALA G 69 -12.23 0.00 -36.77
C ALA G 69 -13.50 -0.47 -36.09
N VAL G 70 -13.53 -1.74 -35.69
CA VAL G 70 -14.69 -2.35 -35.05
C VAL G 70 -14.25 -2.94 -33.73
N VAL G 71 -14.98 -2.62 -32.66
CA VAL G 71 -14.79 -3.23 -31.35
C VAL G 71 -16.02 -4.09 -31.07
N THR G 72 -15.81 -5.37 -30.84
CA THR G 72 -16.88 -6.35 -30.85
C THR G 72 -16.80 -7.22 -29.61
N GLY G 73 -17.97 -7.65 -29.12
CA GLY G 73 -18.04 -8.58 -28.02
C GLY G 73 -17.95 -7.90 -26.67
N VAL G 74 -17.76 -8.72 -25.65
CA VAL G 74 -17.61 -8.23 -24.28
C VAL G 74 -16.24 -7.58 -24.15
N THR G 75 -16.22 -6.27 -23.95
CA THR G 75 -14.98 -5.51 -23.88
C THR G 75 -14.96 -4.68 -22.60
N ALA G 76 -13.87 -4.80 -21.84
CA ALA G 76 -13.64 -4.01 -20.63
C ALA G 76 -12.28 -3.35 -20.77
N VAL G 77 -12.26 -2.03 -20.94
CA VAL G 77 -11.03 -1.28 -21.20
C VAL G 77 -10.88 -0.22 -20.12
N ALA G 78 -9.71 -0.21 -19.48
CA ALA G 78 -9.34 0.81 -18.51
C ALA G 78 -8.08 1.51 -19.01
N GLN G 79 -8.14 2.84 -19.12
CA GLN G 79 -7.05 3.61 -19.70
C GLN G 79 -6.69 4.78 -18.79
N LYS G 80 -5.42 5.16 -18.81
CA LYS G 80 -4.92 6.31 -18.07
C LYS G 80 -3.76 6.89 -18.85
N THR G 81 -3.95 8.08 -19.42
CA THR G 81 -2.94 8.74 -20.23
C THR G 81 -2.59 10.09 -19.62
N VAL G 82 -1.33 10.49 -19.74
CA VAL G 82 -0.85 11.75 -19.19
C VAL G 82 -0.77 12.78 -20.31
N GLU G 83 0.04 12.50 -21.32
CA GLU G 83 0.21 13.41 -22.45
C GLU G 83 -0.11 12.71 -23.76
N GLY G 84 -1.21 11.97 -23.77
CA GLY G 84 -1.65 11.27 -24.96
C GLY G 84 -3.15 11.10 -24.95
N ALA G 85 -3.68 10.61 -26.07
CA ALA G 85 -5.12 10.44 -26.24
C ALA G 85 -5.49 8.97 -26.09
N GLY G 86 -6.63 8.73 -25.45
CA GLY G 86 -7.14 7.38 -25.30
C GLY G 86 -8.37 7.14 -26.15
N SER G 87 -8.26 6.24 -27.12
CA SER G 87 -9.35 5.95 -28.05
C SER G 87 -9.64 4.46 -28.06
N ILE G 88 -10.89 4.11 -28.33
CA ILE G 88 -11.32 2.73 -28.42
C ILE G 88 -11.41 2.26 -29.86
N ALA G 89 -12.11 3.02 -30.72
CA ALA G 89 -12.23 2.69 -32.13
C ALA G 89 -12.08 3.97 -32.93
N ALA G 90 -11.03 4.06 -33.75
CA ALA G 90 -10.73 5.26 -34.52
C ALA G 90 -10.39 4.85 -35.94
N ALA G 91 -11.27 5.18 -36.88
CA ALA G 91 -11.05 4.93 -38.31
C ALA G 91 -10.83 6.29 -38.98
N THR G 92 -9.58 6.68 -39.10
CA THR G 92 -9.20 7.97 -39.66
C THR G 92 -8.31 7.76 -40.89
N GLY G 93 -7.80 8.86 -41.43
CA GLY G 93 -6.89 8.79 -42.56
C GLY G 93 -6.22 10.13 -42.77
N PHE G 94 -5.01 10.07 -43.33
CA PHE G 94 -4.22 11.25 -43.67
C PHE G 94 -3.96 12.10 -42.42
N VAL G 95 -3.22 11.52 -41.48
CA VAL G 95 -2.83 12.20 -40.25
C VAL G 95 -1.38 12.64 -40.41
N LYS G 96 -1.15 13.96 -40.40
CA LYS G 96 0.17 14.52 -40.61
C LYS G 96 0.46 15.59 -39.56
N LYS G 97 1.73 15.72 -39.19
CA LYS G 97 2.18 16.77 -38.28
C LYS G 97 3.38 17.47 -38.89
N ASP G 98 3.33 18.80 -38.94
CA ASP G 98 4.42 19.58 -39.51
C ASP G 98 5.13 20.41 -38.44
N LYS H 21 -29.39 -23.38 21.67
CA LYS H 21 -29.23 -22.69 20.40
C LYS H 21 -29.38 -21.18 20.59
N THR H 22 -28.34 -20.43 20.23
CA THR H 22 -28.33 -18.99 20.39
C THR H 22 -27.39 -18.37 19.37
N LYS H 23 -27.85 -17.36 18.66
CA LYS H 23 -27.06 -16.64 17.67
C LYS H 23 -26.88 -15.20 18.13
N GLN H 24 -25.64 -14.70 18.06
CA GLN H 24 -25.32 -13.35 18.49
C GLN H 24 -24.22 -12.81 17.59
N GLY H 25 -24.50 -11.72 16.89
CA GLY H 25 -23.53 -11.10 16.01
C GLY H 25 -23.08 -11.99 14.88
N VAL H 26 -24.03 -12.63 14.21
CA VAL H 26 -23.75 -13.59 13.14
C VAL H 26 -24.26 -13.00 11.84
N ALA H 27 -23.39 -12.98 10.82
CA ALA H 27 -23.75 -12.56 9.47
C ALA H 27 -23.79 -13.80 8.59
N GLU H 28 -24.96 -14.05 7.99
CA GLU H 28 -25.18 -15.25 7.20
C GLU H 28 -25.68 -14.87 5.82
N ALA H 29 -25.14 -15.52 4.79
CA ALA H 29 -25.53 -15.27 3.41
C ALA H 29 -25.57 -16.60 2.66
N ALA H 30 -26.63 -16.79 1.87
CA ALA H 30 -26.80 -18.01 1.08
C ALA H 30 -27.32 -17.64 -0.29
N GLY H 31 -26.80 -18.31 -1.31
CA GLY H 31 -27.22 -18.07 -2.68
C GLY H 31 -27.20 -19.35 -3.48
N LYS H 32 -28.11 -19.42 -4.45
CA LYS H 32 -28.25 -20.59 -5.32
C LYS H 32 -28.59 -20.15 -6.72
N THR H 33 -28.02 -20.82 -7.71
CA THR H 33 -28.29 -20.53 -9.11
C THR H 33 -27.95 -21.76 -9.93
N LYS H 34 -28.28 -21.69 -11.23
CA LYS H 34 -27.98 -22.76 -12.17
C LYS H 34 -26.95 -22.34 -13.20
N GLU H 35 -27.20 -21.26 -13.93
CA GLU H 35 -26.26 -20.74 -14.92
C GLU H 35 -26.09 -19.24 -14.71
N GLY H 36 -24.84 -18.77 -14.80
CA GLY H 36 -24.54 -17.37 -14.68
C GLY H 36 -23.46 -17.13 -13.66
N VAL H 37 -23.45 -15.92 -13.11
CA VAL H 37 -22.46 -15.48 -12.14
C VAL H 37 -23.15 -15.25 -10.82
N LEU H 38 -22.64 -15.87 -9.76
CA LEU H 38 -23.21 -15.75 -8.42
C LEU H 38 -22.12 -15.32 -7.44
N TYR H 39 -22.46 -14.35 -6.59
CA TYR H 39 -21.52 -13.79 -5.62
C TYR H 39 -22.17 -13.87 -4.24
N VAL H 40 -21.45 -14.47 -3.29
CA VAL H 40 -21.90 -14.56 -1.90
C VAL H 40 -20.79 -14.06 -1.00
N GLY H 41 -21.12 -13.16 -0.07
CA GLY H 41 -20.13 -12.62 0.83
C GLY H 41 -20.75 -12.27 2.16
N SER H 42 -19.94 -12.37 3.22
CA SER H 42 -20.36 -12.03 4.57
C SER H 42 -19.22 -11.32 5.28
N LYS H 43 -19.55 -10.25 6.01
CA LYS H 43 -18.57 -9.48 6.75
C LYS H 43 -19.07 -9.25 8.17
N THR H 44 -18.14 -9.17 9.11
CA THR H 44 -18.46 -8.94 10.51
C THR H 44 -17.42 -8.01 11.11
N LYS H 45 -17.88 -6.97 11.80
CA LYS H 45 -17.00 -6.00 12.46
C LYS H 45 -17.45 -5.86 13.91
N GLU H 46 -16.55 -6.19 14.84
CA GLU H 46 -16.84 -6.09 16.27
C GLU H 46 -15.67 -5.40 16.95
N GLY H 47 -15.94 -4.25 17.58
CA GLY H 47 -14.90 -3.51 18.26
C GLY H 47 -13.79 -3.05 17.34
N VAL H 48 -14.17 -2.39 16.25
CA VAL H 48 -13.22 -1.99 15.20
C VAL H 48 -13.20 -0.47 15.12
N VAL H 49 -12.01 0.11 15.14
CA VAL H 49 -11.81 1.54 14.91
C VAL H 49 -11.28 1.72 13.50
N HIS H 50 -12.00 2.48 12.69
CA HIS H 50 -11.69 2.62 11.27
C HIS H 50 -11.72 4.09 10.87
N GLY H 51 -10.72 4.52 10.12
CA GLY H 51 -10.74 5.84 9.51
C GLY H 51 -10.60 7.00 10.47
N VAL H 52 -9.42 7.16 11.08
CA VAL H 52 -9.13 8.29 11.96
C VAL H 52 -8.06 9.13 11.28
N ALA H 53 -8.37 10.41 11.03
CA ALA H 53 -7.46 11.32 10.37
C ALA H 53 -7.34 12.60 11.18
N THR H 54 -6.11 13.11 11.31
CA THR H 54 -5.83 14.30 12.08
C THR H 54 -4.73 15.10 11.40
N VAL H 55 -4.95 16.40 11.24
CA VAL H 55 -3.98 17.29 10.61
C VAL H 55 -3.80 18.52 11.49
N ALA H 56 -2.55 18.89 11.76
CA ALA H 56 -2.22 20.10 12.50
C ALA H 56 -1.24 20.91 11.67
N GLU H 57 -1.59 22.15 11.38
CA GLU H 57 -0.77 23.03 10.55
C GLU H 57 -0.54 24.35 11.27
N LYS H 58 0.74 24.71 11.43
CA LYS H 58 1.13 25.98 12.05
C LYS H 58 0.51 26.14 13.44
N THR H 59 0.51 25.05 14.20
CA THR H 59 -0.10 25.03 15.53
C THR H 59 0.98 25.25 16.59
N LYS H 60 0.71 26.17 17.51
CA LYS H 60 1.61 26.48 18.61
C LYS H 60 1.03 25.89 19.89
N GLU H 61 1.83 25.11 20.61
CA GLU H 61 1.42 24.47 21.85
C GLU H 61 2.52 24.63 22.89
N GLN H 62 2.17 25.25 24.01
CA GLN H 62 3.08 25.42 25.14
C GLN H 62 2.45 24.80 26.37
N VAL H 63 3.13 23.83 26.96
CA VAL H 63 2.60 23.06 28.08
C VAL H 63 3.59 23.11 29.23
N THR H 64 3.08 23.47 30.42
CA THR H 64 3.84 23.42 31.66
C THR H 64 3.11 22.50 32.62
N ASN H 65 3.75 21.41 33.02
CA ASN H 65 3.12 20.39 33.84
C ASN H 65 3.94 20.17 35.12
N VAL H 66 3.26 20.16 36.25
CA VAL H 66 3.89 19.92 37.55
C VAL H 66 3.04 18.87 38.27
N GLY H 67 3.44 17.60 38.14
CA GLY H 67 2.77 16.53 38.85
C GLY H 67 1.43 16.13 38.28
N GLY H 68 1.07 16.60 37.09
CA GLY H 68 -0.19 16.27 36.47
C GLY H 68 -0.04 15.39 35.25
N ALA H 69 -1.13 15.30 34.49
CA ALA H 69 -1.16 14.54 33.24
C ALA H 69 -1.74 15.42 32.13
N VAL H 70 -1.00 15.52 31.03
CA VAL H 70 -1.42 16.30 29.87
C VAL H 70 -1.34 15.41 28.64
N VAL H 71 -2.42 15.38 27.86
CA VAL H 71 -2.50 14.57 26.65
C VAL H 71 -2.82 15.48 25.48
N THR H 72 -2.03 15.37 24.41
CA THR H 72 -2.17 16.23 23.24
C THR H 72 -2.29 15.44 21.94
N GLY H 73 -1.78 14.22 21.88
CA GLY H 73 -1.75 13.45 20.65
C GLY H 73 -3.07 12.76 20.35
N VAL H 74 -3.01 11.84 19.40
CA VAL H 74 -4.17 11.11 18.90
C VAL H 74 -4.13 9.69 19.45
N THR H 75 -5.24 9.25 20.03
CA THR H 75 -5.35 7.92 20.62
C THR H 75 -6.51 7.19 19.99
N ALA H 76 -6.26 5.98 19.48
CA ALA H 76 -7.28 5.14 18.87
C ALA H 76 -7.17 3.74 19.48
N VAL H 77 -8.19 3.33 20.23
CA VAL H 77 -8.19 2.07 20.96
C VAL H 77 -9.41 1.26 20.54
N ALA H 78 -9.19 -0.01 20.21
CA ALA H 78 -10.26 -0.94 19.89
C ALA H 78 -10.07 -2.20 20.73
N GLN H 79 -11.12 -2.58 21.47
CA GLN H 79 -11.07 -3.73 22.36
C GLN H 79 -12.29 -4.60 22.16
N LYS H 80 -12.08 -5.90 22.05
CA LYS H 80 -13.15 -6.89 22.02
C LYS H 80 -12.85 -7.94 23.07
N THR H 81 -13.80 -8.17 23.98
CA THR H 81 -13.60 -9.13 25.06
C THR H 81 -14.84 -10.00 25.20
N VAL H 82 -14.61 -11.26 25.59
CA VAL H 82 -15.67 -12.23 25.82
C VAL H 82 -15.55 -12.72 27.26
N GLU H 83 -16.67 -12.71 27.98
CA GLU H 83 -16.72 -13.15 29.37
C GLU H 83 -15.74 -12.36 30.24
N GLY H 84 -15.68 -11.05 30.02
CA GLY H 84 -14.81 -10.20 30.79
C GLY H 84 -15.55 -9.09 31.51
N ALA H 85 -15.54 -9.13 32.84
CA ALA H 85 -16.26 -8.16 33.67
C ALA H 85 -15.30 -7.13 34.23
N GLY H 86 -15.71 -5.86 34.19
CA GLY H 86 -14.89 -4.78 34.71
C GLY H 86 -13.77 -4.32 33.80
N SER H 87 -13.77 -4.74 32.55
CA SER H 87 -12.71 -4.36 31.63
C SER H 87 -12.85 -2.89 31.22
N ILE H 88 -11.70 -2.22 31.09
CA ILE H 88 -11.65 -0.83 30.65
C ILE H 88 -10.88 -0.79 29.34
N ALA H 89 -11.49 -0.19 28.32
CA ALA H 89 -10.84 -0.13 27.02
C ALA H 89 -9.77 0.95 26.97
N ALA H 90 -10.09 2.17 27.37
CA ALA H 90 -9.14 3.26 27.35
C ALA H 90 -9.28 4.12 28.60
N ALA H 91 -8.14 4.54 29.14
CA ALA H 91 -8.09 5.46 30.27
C ALA H 91 -6.95 6.43 29.99
N THR H 92 -7.28 7.61 29.45
CA THR H 92 -6.30 8.53 28.92
C THR H 92 -6.29 9.81 29.73
N GLY H 93 -5.10 10.23 30.17
CA GLY H 93 -4.91 11.52 30.81
C GLY H 93 -5.62 11.68 32.15
N PHE H 94 -5.22 10.92 33.16
CA PHE H 94 -5.88 10.99 34.45
C PHE H 94 -4.85 10.96 35.57
N VAL H 95 -5.25 11.48 36.73
CA VAL H 95 -4.46 11.44 37.94
C VAL H 95 -5.26 10.67 38.98
N LYS H 96 -4.68 9.58 39.49
CA LYS H 96 -5.36 8.70 40.43
C LYS H 96 -4.51 8.59 41.69
N LYS H 97 -5.09 8.95 42.83
CA LYS H 97 -4.43 8.93 44.13
C LYS H 97 -5.32 8.25 45.17
N ASP H 98 -5.84 7.09 44.82
CA ASP H 98 -6.75 6.37 45.70
C ASP H 98 -6.04 5.94 46.99
N GLN H 99 -6.78 5.98 48.08
CA GLN H 99 -6.25 5.60 49.39
C GLN H 99 -6.68 4.20 49.77
N GLY I 14 30.13 31.20 -3.81
CA GLY I 14 30.99 30.74 -2.75
C GLY I 14 30.23 30.11 -1.60
N VAL I 15 30.70 28.94 -1.16
CA VAL I 15 30.10 28.20 -0.07
C VAL I 15 31.17 27.95 0.98
N VAL I 16 30.94 28.44 2.20
CA VAL I 16 31.92 28.36 3.29
C VAL I 16 31.24 27.75 4.51
N ALA I 17 31.88 26.75 5.11
CA ALA I 17 31.43 26.16 6.35
C ALA I 17 32.62 26.07 7.30
N ALA I 18 32.45 26.58 8.52
CA ALA I 18 33.54 26.64 9.48
C ALA I 18 33.05 26.23 10.86
N ALA I 19 33.98 25.72 11.67
CA ALA I 19 33.69 25.34 13.05
C ALA I 19 34.97 25.48 13.85
N GLU I 20 34.98 26.41 14.82
CA GLU I 20 36.17 26.72 15.58
C GLU I 20 35.90 26.65 17.07
N LYS I 21 36.93 26.29 17.83
CA LYS I 21 36.90 26.29 19.29
C LYS I 21 35.76 25.41 19.82
N THR I 22 35.79 24.15 19.40
CA THR I 22 34.82 23.14 19.85
C THR I 22 35.57 21.94 20.39
N LYS I 23 34.81 20.96 20.89
CA LYS I 23 35.35 19.67 21.28
C LYS I 23 35.14 18.60 20.22
N GLN I 24 33.95 18.55 19.64
CA GLN I 24 33.66 17.72 18.49
C GLN I 24 33.03 18.60 17.41
N GLY I 25 33.67 18.68 16.25
CA GLY I 25 33.20 19.56 15.21
C GLY I 25 33.23 18.96 13.82
N VAL I 26 32.15 19.17 13.06
CA VAL I 26 32.05 18.70 11.69
C VAL I 26 31.70 19.88 10.81
N ALA I 27 32.47 20.08 9.74
CA ALA I 27 32.24 21.16 8.78
C ALA I 27 32.21 20.58 7.38
N GLU I 28 31.04 20.61 6.75
CA GLU I 28 30.86 20.10 5.41
C GLU I 28 30.28 21.18 4.51
N ALA I 29 30.90 21.37 3.34
CA ALA I 29 30.45 22.34 2.36
C ALA I 29 30.38 21.68 1.00
N ALA I 30 29.25 21.86 0.31
CA ALA I 30 29.03 21.28 -1.01
C ALA I 30 28.53 22.35 -1.96
N GLY I 31 29.18 22.47 -3.11
CA GLY I 31 28.77 23.43 -4.11
C GLY I 31 27.46 23.06 -4.78
N LYS I 32 27.47 21.97 -5.55
CA LYS I 32 26.28 21.46 -6.20
C LYS I 32 26.12 19.99 -5.86
N THR I 33 24.88 19.58 -5.57
CA THR I 33 24.58 18.21 -5.19
C THR I 33 23.34 17.74 -5.94
N LYS I 34 23.36 16.49 -6.38
CA LYS I 34 22.22 15.88 -7.07
C LYS I 34 22.05 14.46 -6.55
N GLU I 35 20.95 14.21 -5.86
CA GLU I 35 20.68 12.88 -5.34
C GLU I 35 20.21 11.94 -6.44
N GLY I 36 20.23 10.65 -6.13
CA GLY I 36 19.82 9.62 -7.07
C GLY I 36 18.67 8.79 -6.53
N VAL I 37 18.37 7.72 -7.27
CA VAL I 37 17.30 6.80 -6.91
C VAL I 37 17.84 5.76 -5.93
N LEU I 38 17.00 5.38 -4.96
CA LEU I 38 17.39 4.33 -4.02
C LEU I 38 16.16 3.55 -3.59
N TYR I 39 16.32 2.23 -3.47
CA TYR I 39 15.27 1.33 -3.04
C TYR I 39 15.69 0.65 -1.75
N VAL I 40 14.81 0.65 -0.75
CA VAL I 40 15.08 0.04 0.54
C VAL I 40 13.89 -0.83 0.91
N GLY I 41 14.08 -2.15 0.88
CA GLY I 41 13.00 -3.07 1.24
C GLY I 41 11.78 -2.96 0.36
N SER I 42 11.99 -2.77 -0.94
CA SER I 42 10.90 -2.55 -1.88
C SER I 42 10.83 -3.70 -2.89
N LYS I 43 9.64 -3.92 -3.43
CA LYS I 43 9.40 -4.93 -4.45
C LYS I 43 8.83 -4.26 -5.70
N THR I 44 9.30 -4.71 -6.86
CA THR I 44 8.89 -4.14 -8.14
C THR I 44 8.48 -5.26 -9.09
N LYS I 45 7.45 -4.99 -9.89
CA LYS I 45 6.96 -5.96 -10.87
C LYS I 45 6.63 -5.20 -12.16
N GLU I 46 7.46 -5.38 -13.18
CA GLU I 46 7.26 -4.74 -14.48
C GLU I 46 7.15 -5.84 -15.54
N GLY I 47 5.99 -5.94 -16.17
CA GLY I 47 5.76 -6.96 -17.17
C GLY I 47 5.76 -8.36 -16.58
N VAL I 48 4.79 -8.65 -15.72
CA VAL I 48 4.74 -9.92 -15.00
C VAL I 48 3.38 -10.57 -15.26
N VAL I 49 3.40 -11.85 -15.64
CA VAL I 49 2.19 -12.65 -15.81
C VAL I 49 2.15 -13.66 -14.67
N HIS I 50 1.08 -13.61 -13.88
CA HIS I 50 0.98 -14.43 -12.67
C HIS I 50 -0.38 -15.11 -12.63
N GLY I 51 -0.38 -16.43 -12.41
CA GLY I 51 -1.60 -17.16 -12.16
C GLY I 51 -2.54 -17.28 -13.35
N VAL I 52 -2.14 -18.04 -14.36
CA VAL I 52 -2.96 -18.29 -15.54
C VAL I 52 -3.31 -19.77 -15.57
N ALA I 53 -4.61 -20.07 -15.59
CA ALA I 53 -5.11 -21.44 -15.63
C ALA I 53 -6.09 -21.58 -16.79
N THR I 54 -5.90 -22.61 -17.61
CA THR I 54 -6.74 -22.84 -18.78
C THR I 54 -7.11 -24.31 -18.85
N VAL I 55 -8.39 -24.58 -19.09
CA VAL I 55 -8.90 -25.95 -19.23
C VAL I 55 -9.67 -26.03 -20.53
N ALA I 56 -9.27 -26.95 -21.40
CA ALA I 56 -9.95 -27.20 -22.67
C ALA I 56 -10.21 -28.69 -22.83
N GLU I 57 -11.40 -29.04 -23.29
CA GLU I 57 -11.80 -30.43 -23.42
C GLU I 57 -11.67 -30.95 -24.85
N LYS I 58 -12.39 -30.36 -25.80
CA LYS I 58 -12.39 -30.81 -27.19
C LYS I 58 -12.42 -29.56 -28.08
N THR I 59 -11.25 -29.10 -28.50
CA THR I 59 -11.13 -27.91 -29.33
C THR I 59 -10.64 -28.31 -30.71
N LYS I 60 -11.42 -27.95 -31.73
CA LYS I 60 -11.06 -28.16 -33.13
C LYS I 60 -10.65 -26.81 -33.70
N GLU I 61 -9.41 -26.73 -34.21
CA GLU I 61 -8.85 -25.47 -34.65
C GLU I 61 -8.07 -25.68 -35.94
N GLN I 62 -8.31 -24.81 -36.92
CA GLN I 62 -7.62 -24.84 -38.20
C GLN I 62 -7.03 -23.47 -38.49
N VAL I 63 -5.81 -23.44 -39.00
CA VAL I 63 -5.11 -22.19 -39.31
C VAL I 63 -4.55 -22.30 -40.72
N THR I 64 -4.84 -21.30 -41.56
CA THR I 64 -4.29 -21.21 -42.91
C THR I 64 -3.61 -19.85 -43.03
N ASN I 65 -2.28 -19.86 -43.02
CA ASN I 65 -1.48 -18.64 -42.99
C ASN I 65 -0.71 -18.50 -44.29
N VAL I 66 -0.83 -17.33 -44.93
CA VAL I 66 -0.11 -17.02 -46.15
C VAL I 66 0.52 -15.64 -45.96
N GLY I 67 1.80 -15.62 -45.63
CA GLY I 67 2.52 -14.36 -45.48
C GLY I 67 2.00 -13.47 -44.38
N GLY I 68 1.65 -14.03 -43.23
CA GLY I 68 1.14 -13.25 -42.12
C GLY I 68 1.71 -13.76 -40.81
N ALA I 69 1.37 -13.06 -39.74
CA ALA I 69 1.78 -13.42 -38.39
C ALA I 69 0.55 -13.85 -37.61
N VAL I 70 0.57 -15.08 -37.10
CA VAL I 70 -0.55 -15.64 -36.35
C VAL I 70 -0.02 -16.14 -35.00
N VAL I 71 -0.70 -15.74 -33.93
CA VAL I 71 -0.43 -16.23 -32.58
C VAL I 71 -1.62 -17.07 -32.17
N THR I 72 -1.37 -18.34 -31.85
CA THR I 72 -2.43 -19.33 -31.73
C THR I 72 -2.26 -20.10 -30.41
N GLY I 73 -3.39 -20.49 -29.84
CA GLY I 73 -3.39 -21.33 -28.66
C GLY I 73 -3.23 -20.54 -27.37
N VAL I 74 -2.96 -21.28 -26.30
CA VAL I 74 -2.75 -20.68 -24.99
C VAL I 74 -1.39 -20.00 -24.99
N THR I 75 -1.38 -18.68 -24.90
CA THR I 75 -0.15 -17.89 -24.96
C THR I 75 -0.07 -16.97 -23.75
N ALA I 76 1.06 -17.01 -23.05
CA ALA I 76 1.33 -16.12 -21.93
C ALA I 76 2.68 -15.46 -22.19
N VAL I 77 2.66 -14.15 -22.47
CA VAL I 77 3.85 -13.41 -22.85
C VAL I 77 4.05 -12.27 -21.88
N ALA I 78 5.26 -12.18 -21.31
CA ALA I 78 5.66 -11.08 -20.46
C ALA I 78 6.87 -10.41 -21.07
N GLN I 79 6.79 -9.09 -21.28
CA GLN I 79 7.82 -8.35 -21.98
C GLN I 79 8.20 -7.10 -21.20
N LYS I 80 9.47 -6.72 -21.32
CA LYS I 80 9.99 -5.49 -20.70
C LYS I 80 11.10 -4.97 -21.59
N THR I 81 10.84 -3.82 -22.24
CA THR I 81 11.79 -3.22 -23.16
C THR I 81 12.16 -1.83 -22.67
N VAL I 82 13.40 -1.43 -22.91
CA VAL I 82 13.87 -0.12 -22.49
C VAL I 82 13.88 0.83 -23.68
N GLU I 83 14.64 0.49 -24.71
CA GLU I 83 14.74 1.29 -25.93
C GLU I 83 14.36 0.49 -27.16
N GLY I 84 13.27 -0.27 -27.05
CA GLY I 84 12.78 -1.07 -28.15
C GLY I 84 11.28 -1.26 -28.03
N ALA I 85 10.70 -1.84 -29.08
CA ALA I 85 9.26 -2.06 -29.16
C ALA I 85 8.92 -3.51 -28.87
N GLY I 86 7.82 -3.71 -28.14
CA GLY I 86 7.34 -5.05 -27.86
C GLY I 86 6.08 -5.38 -28.62
N SER I 87 6.15 -6.36 -29.52
CA SER I 87 5.02 -6.73 -30.35
C SER I 87 4.76 -8.22 -30.23
N ILE I 88 3.50 -8.61 -30.40
CA ILE I 88 3.09 -10.01 -30.35
C ILE I 88 2.93 -10.59 -31.75
N ALA I 89 2.17 -9.92 -32.61
CA ALA I 89 1.98 -10.35 -33.99
C ALA I 89 2.05 -9.13 -34.89
N ALA I 90 3.05 -9.11 -35.78
CA ALA I 90 3.29 -7.97 -36.65
C ALA I 90 3.56 -8.48 -38.06
N ALA I 91 2.63 -8.25 -38.98
CA ALA I 91 2.77 -8.61 -40.38
C ALA I 91 2.92 -7.31 -41.17
N THR I 92 4.16 -6.90 -41.40
CA THR I 92 4.48 -5.66 -42.08
C THR I 92 5.30 -5.96 -43.33
N GLY I 93 5.76 -4.90 -43.99
CA GLY I 93 6.61 -5.05 -45.16
C GLY I 93 7.24 -3.73 -45.52
N PHE I 94 8.41 -3.82 -46.14
CA PHE I 94 9.17 -2.65 -46.61
C PHE I 94 9.48 -1.70 -45.45
N VAL I 95 10.27 -2.19 -44.52
CA VAL I 95 10.73 -1.41 -43.37
C VAL I 95 12.16 -0.95 -43.65
N LYS I 96 12.36 0.35 -43.75
CA LYS I 96 13.66 0.92 -44.09
C LYS I 96 13.98 2.08 -43.14
N LYS I 97 15.26 2.26 -42.86
CA LYS I 97 15.75 3.38 -42.06
C LYS I 97 16.89 4.05 -42.80
N ASP I 98 16.82 5.37 -42.95
CA ASP I 98 17.86 6.12 -43.65
C ASP I 98 18.62 7.04 -42.68
N LYS J 21 -11.66 -32.20 22.63
CA LYS J 21 -11.58 -31.61 21.30
C LYS J 21 -11.75 -30.10 21.37
N THR J 22 -10.74 -29.37 20.90
CA THR J 22 -10.76 -27.92 20.95
C THR J 22 -9.88 -27.38 19.82
N LYS J 23 -10.41 -26.42 19.06
CA LYS J 23 -9.68 -25.79 17.98
C LYS J 23 -9.51 -24.30 18.31
N GLN J 24 -8.28 -23.80 18.12
CA GLN J 24 -7.97 -22.41 18.42
C GLN J 24 -6.92 -21.93 17.42
N GLY J 25 -7.27 -20.90 16.66
CA GLY J 25 -6.34 -20.34 15.68
C GLY J 25 -5.95 -21.31 14.59
N VAL J 26 -6.93 -22.03 14.04
CA VAL J 26 -6.69 -23.06 13.03
C VAL J 26 -7.27 -22.58 11.71
N ALA J 27 -6.46 -22.63 10.65
CA ALA J 27 -6.91 -22.34 9.30
C ALA J 27 -6.99 -23.64 8.53
N GLU J 28 -8.17 -23.96 8.01
CA GLU J 28 -8.41 -25.22 7.34
C GLU J 28 -9.01 -24.95 5.95
N ALA J 29 -8.51 -25.68 4.96
CA ALA J 29 -8.97 -25.56 3.59
C ALA J 29 -9.04 -26.94 2.95
N ALA J 30 -10.13 -27.22 2.24
CA ALA J 30 -10.31 -28.48 1.56
C ALA J 30 -10.92 -28.24 0.18
N GLY J 31 -10.45 -28.99 -0.80
CA GLY J 31 -10.95 -28.86 -2.15
C GLY J 31 -10.95 -30.20 -2.85
N LYS J 32 -11.91 -30.38 -3.76
CA LYS J 32 -12.07 -31.60 -4.51
C LYS J 32 -12.51 -31.28 -5.93
N THR J 33 -11.97 -32.03 -6.89
CA THR J 33 -12.32 -31.85 -8.30
C THR J 33 -12.02 -33.14 -9.03
N LYS J 34 -12.41 -33.17 -10.31
CA LYS J 34 -12.15 -34.32 -11.17
C LYS J 34 -11.18 -33.97 -12.30
N GLU J 35 -11.49 -32.96 -13.09
CA GLU J 35 -10.62 -32.51 -14.17
C GLU J 35 -10.46 -30.99 -14.09
N GLY J 36 -9.23 -30.52 -14.29
CA GLY J 36 -8.97 -29.11 -14.30
C GLY J 36 -7.82 -28.77 -13.37
N VAL J 37 -7.82 -27.52 -12.92
CA VAL J 37 -6.78 -26.99 -12.05
C VAL J 37 -7.40 -26.65 -10.70
N LEU J 38 -6.80 -27.18 -9.63
CA LEU J 38 -7.31 -26.97 -8.29
C LEU J 38 -6.17 -26.44 -7.40
N TYR J 39 -6.48 -25.40 -6.62
CA TYR J 39 -5.51 -24.76 -5.75
C TYR J 39 -6.07 -24.73 -4.33
N VAL J 40 -5.29 -25.23 -3.38
CA VAL J 40 -5.66 -25.23 -1.97
C VAL J 40 -4.50 -24.63 -1.17
N GLY J 41 -4.81 -23.68 -0.30
CA GLY J 41 -3.78 -23.03 0.50
C GLY J 41 -4.33 -22.59 1.84
N SER J 42 -3.46 -22.59 2.84
CA SER J 42 -3.82 -22.15 4.18
C SER J 42 -2.65 -21.38 4.78
N LYS J 43 -2.96 -20.25 5.42
CA LYS J 43 -1.95 -19.41 6.05
C LYS J 43 -2.38 -19.07 7.47
N THR J 44 -1.40 -18.90 8.34
CA THR J 44 -1.64 -18.56 9.74
C THR J 44 -0.58 -17.58 10.21
N LYS J 45 -1.03 -16.49 10.83
CA LYS J 45 -0.14 -15.46 11.36
C LYS J 45 -0.50 -15.21 12.81
N GLU J 46 0.45 -15.44 13.71
CA GLU J 46 0.23 -15.23 15.14
C GLU J 46 1.43 -14.46 15.70
N GLY J 47 1.18 -13.29 16.25
CA GLY J 47 2.23 -12.47 16.82
C GLY J 47 3.28 -12.07 15.80
N VAL J 48 2.84 -11.51 14.68
CA VAL J 48 3.72 -11.18 13.56
C VAL J 48 3.70 -9.67 13.34
N VAL J 49 4.89 -9.08 13.25
CA VAL J 49 5.05 -7.67 12.90
C VAL J 49 5.48 -7.60 11.44
N HIS J 50 4.71 -6.92 10.61
CA HIS J 50 4.94 -6.88 9.17
C HIS J 50 4.85 -5.45 8.67
N GLY J 51 5.80 -5.07 7.82
CA GLY J 51 5.73 -3.80 7.12
C GLY J 51 5.89 -2.57 7.98
N VAL J 52 7.10 -2.34 8.49
CA VAL J 52 7.43 -1.15 9.26
C VAL J 52 8.44 -0.34 8.45
N ALA J 53 8.09 0.90 8.13
CA ALA J 53 8.94 1.78 7.34
C ALA J 53 9.09 3.12 8.03
N THR J 54 10.31 3.64 8.05
CA THR J 54 10.61 4.91 8.71
C THR J 54 11.65 5.66 7.89
N VAL J 55 11.41 6.95 7.65
CA VAL J 55 12.32 7.80 6.90
C VAL J 55 12.52 9.10 7.67
N ALA J 56 13.78 9.50 7.83
CA ALA J 56 14.13 10.77 8.45
C ALA J 56 15.05 11.53 7.51
N GLU J 57 14.66 12.74 7.13
CA GLU J 57 15.40 13.55 6.19
C GLU J 57 15.66 14.93 6.79
N LYS J 58 16.93 15.33 6.85
CA LYS J 58 17.34 16.64 7.34
C LYS J 58 16.80 16.91 8.75
N THR J 59 16.85 15.89 9.60
CA THR J 59 16.32 15.96 10.95
C THR J 59 17.44 16.28 11.93
N LYS J 60 17.21 17.28 12.77
CA LYS J 60 18.17 17.67 13.80
C LYS J 60 17.68 17.19 15.15
N GLU J 61 18.54 16.48 15.89
CA GLU J 61 18.19 15.94 17.20
C GLU J 61 19.34 16.20 18.16
N GLN J 62 19.05 16.90 19.24
CA GLN J 62 20.03 17.19 20.29
C GLN J 62 19.47 16.65 21.61
N VAL J 63 20.21 15.74 22.23
CA VAL J 63 19.76 15.05 23.44
C VAL J 63 20.79 15.23 24.53
N THR J 64 20.36 15.67 25.71
CA THR J 64 21.19 15.72 26.90
C THR J 64 20.52 14.88 27.98
N ASN J 65 21.20 13.84 28.43
CA ASN J 65 20.65 12.87 29.36
C ASN J 65 21.54 12.77 30.60
N VAL J 66 20.92 12.85 31.78
CA VAL J 66 21.63 12.73 33.05
C VAL J 66 20.85 11.73 33.89
N GLY J 67 21.26 10.46 33.84
CA GLY J 67 20.64 9.44 34.67
C GLY J 67 19.29 8.96 34.22
N GLY J 68 18.85 9.34 33.01
CA GLY J 68 17.57 8.94 32.50
C GLY J 68 17.67 7.97 31.34
N ALA J 69 16.54 7.80 30.65
CA ALA J 69 16.45 6.94 29.48
C ALA J 69 15.80 7.71 28.35
N VAL J 70 16.46 7.73 27.19
CA VAL J 70 15.98 8.42 26.00
C VAL J 70 16.00 7.43 24.83
N VAL J 71 14.88 7.32 24.13
CA VAL J 71 14.75 6.40 23.00
C VAL J 71 14.34 7.22 21.77
N THR J 72 15.07 7.03 20.67
CA THR J 72 14.86 7.79 19.45
C THR J 72 14.66 6.90 18.22
N GLY J 73 15.20 5.69 18.23
CA GLY J 73 15.17 4.82 17.07
C GLY J 73 13.86 4.10 16.91
N VAL J 74 13.88 3.08 16.03
CA VAL J 74 12.70 2.31 15.66
C VAL J 74 12.81 0.94 16.31
N THR J 75 11.73 0.53 17.00
CA THR J 75 11.69 -0.75 17.69
C THR J 75 10.50 -1.55 17.19
N ALA J 76 10.76 -2.78 16.77
CA ALA J 76 9.72 -3.69 16.29
C ALA J 76 9.88 -5.03 17.00
N VAL J 77 8.91 -5.39 17.84
CA VAL J 77 8.99 -6.59 18.66
C VAL J 77 7.76 -7.45 18.38
N ALA J 78 7.98 -8.73 18.14
CA ALA J 78 6.92 -9.71 17.96
C ALA J 78 7.16 -10.89 18.88
N GLN J 79 6.17 -11.22 19.71
CA GLN J 79 6.31 -12.30 20.69
C GLN J 79 5.08 -13.19 20.63
N LYS J 80 5.31 -14.50 20.61
CA LYS J 80 4.25 -15.50 20.72
C LYS J 80 4.64 -16.47 21.84
N THR J 81 3.75 -16.63 22.82
CA THR J 81 4.02 -17.49 23.96
C THR J 81 2.81 -18.38 24.23
N VAL J 82 3.08 -19.59 24.70
CA VAL J 82 2.06 -20.55 25.08
C VAL J 82 2.27 -20.92 26.54
N GLU J 83 1.19 -20.87 27.32
CA GLU J 83 1.23 -21.19 28.75
C GLU J 83 2.23 -20.32 29.49
N GLY J 84 2.26 -19.04 29.16
CA GLY J 84 3.16 -18.10 29.81
C GLY J 84 2.44 -16.95 30.48
N ALA J 85 2.52 -16.88 31.81
CA ALA J 85 1.83 -15.87 32.59
C ALA J 85 2.81 -14.79 33.01
N GLY J 86 2.37 -13.53 32.90
CA GLY J 86 3.19 -12.40 33.29
C GLY J 86 4.25 -12.00 32.28
N SER J 87 4.19 -12.52 31.06
CA SER J 87 5.19 -12.19 30.05
C SER J 87 5.00 -10.77 29.54
N ILE J 88 6.11 -10.09 29.29
CA ILE J 88 6.12 -8.74 28.74
C ILE J 88 6.81 -8.79 27.39
N ALA J 89 6.14 -8.28 26.36
CA ALA J 89 6.72 -8.33 25.01
C ALA J 89 7.77 -7.25 24.82
N ALA J 90 7.43 -6.00 25.15
CA ALA J 90 8.37 -4.90 24.98
C ALA J 90 8.28 -3.95 26.15
N ALA J 91 9.44 -3.46 26.60
CA ALA J 91 9.53 -2.45 27.65
C ALA J 91 10.64 -1.49 27.23
N THR J 92 10.26 -0.38 26.61
CA THR J 92 11.20 0.53 25.96
C THR J 92 11.22 1.88 26.66
N GLY J 93 12.43 2.34 27.00
CA GLY J 93 12.62 3.68 27.53
C GLY J 93 11.99 3.94 28.87
N PHE J 94 12.46 3.26 29.92
CA PHE J 94 11.87 3.42 31.24
C PHE J 94 12.97 3.51 32.30
N VAL J 95 12.61 4.11 33.43
CA VAL J 95 13.47 4.18 34.60
C VAL J 95 12.75 3.48 35.74
N LYS J 96 13.37 2.45 36.29
CA LYS J 96 12.77 1.64 37.35
C LYS J 96 13.69 1.65 38.55
N LYS J 97 13.16 2.09 39.70
CA LYS J 97 13.90 2.19 40.96
C LYS J 97 13.08 1.58 42.10
N ASP J 98 12.56 0.38 41.86
CA ASP J 98 11.71 -0.27 42.86
C ASP J 98 12.50 -0.58 44.13
N GLN J 99 11.82 -0.45 45.27
CA GLN J 99 12.44 -0.72 46.56
C GLN J 99 12.06 -2.11 47.07
C13 A1BGB K . 8.12 6.26 -32.26
C15 A1BGB K . 10.40 6.15 -31.41
C17 A1BGB K . 8.59 5.17 -30.17
C20 A1BGB K . 3.45 4.21 -32.83
C22 A1BGB K . 1.68 2.71 -33.81
C24 A1BGB K . 0.93 1.87 -35.92
C26 A1BGB K . 1.35 0.36 -34.11
C28 A1BGB K . 2.14 1.18 -31.86
C01 A1BGB K . 8.89 6.75 -36.63
C02 A1BGB K . 7.85 6.53 -35.75
C03 A1BGB K . 6.99 5.46 -35.93
C04 A1BGB K . 7.18 4.60 -37.01
C05 A1BGB K . 8.22 4.82 -37.89
C06 A1BGB K . 9.07 5.89 -37.71
C07 A1BGB K . 7.64 7.48 -34.57
C08 A1BGB K . 7.14 6.71 -33.35
C11 A1BGB K . 6.19 5.27 -31.05
C12 A1BGB K . 7.68 5.58 -31.18
C14 A1BGB K . 9.50 6.55 -32.38
C16 A1BGB K . 9.93 5.45 -30.30
C19 A1BGB K . 3.83 5.39 -31.95
C23 A1BGB K . 1.29 2.94 -35.12
C25 A1BGB K . 0.95 0.58 -35.42
C27 A1BGB K . 1.71 1.43 -33.30
C29 A1BGB K . 1.26 4.36 -35.68
N09 A1BGB K . 5.72 6.41 -33.21
N10 A1BGB K . 5.25 5.69 -32.08
N21 A1BGB K . 2.06 3.83 -32.96
O18 A1BGB K . 5.79 4.67 -30.10
O30 A1BGB K . 4.28 3.60 -33.41
C13 A1BGB L . 4.60 9.45 -31.40
C15 A1BGB L . 6.87 9.31 -30.51
C17 A1BGB L . 5.03 8.31 -29.33
C20 A1BGB L . -0.08 7.43 -32.08
C22 A1BGB L . -1.83 5.96 -33.11
C24 A1BGB L . -2.56 5.16 -35.25
C26 A1BGB L . -2.17 3.62 -33.47
C28 A1BGB L . -1.41 4.39 -31.19
C01 A1BGB L . 5.43 10.02 -35.74
C02 A1BGB L . 4.38 9.78 -34.88
C03 A1BGB L . 3.52 8.72 -35.10
C04 A1BGB L . 3.72 7.89 -36.18
C05 A1BGB L . 4.77 8.12 -37.06
C06 A1BGB L . 5.63 9.18 -36.83
C07 A1BGB L . 4.16 10.71 -33.68
C08 A1BGB L . 3.63 9.92 -32.49
C11 A1BGB L . 2.64 8.44 -30.23
C12 A1BGB L . 4.14 8.75 -30.34
C14 A1BGB L . 6.00 9.74 -31.49
C16 A1BGB L . 6.38 8.59 -29.42
C19 A1BGB L . 0.31 8.58 -31.16
C23 A1BGB L . -2.20 6.20 -34.42
C25 A1BGB L . -2.54 3.86 -34.77
C27 A1BGB L . -1.82 4.67 -32.63
C29 A1BGB L . -2.23 7.64 -34.95
N09 A1BGB L . 2.22 9.62 -32.38
N10 A1BGB L . 1.72 8.88 -31.27
N21 A1BGB L . -1.46 7.06 -32.24
O18 A1BGB L . 2.24 7.83 -29.31
O30 A1BGB L . 0.77 6.83 -32.66
C13 A1BGB M . 1.08 12.63 -30.51
C15 A1BGB M . 3.33 12.47 -29.60
C17 A1BGB M . 1.48 11.45 -28.47
C20 A1BGB M . -3.59 10.65 -31.30
C22 A1BGB M . -5.34 9.21 -32.39
C24 A1BGB M . -6.04 8.45 -34.56
C26 A1BGB M . -5.68 6.87 -32.80
C28 A1BGB M . -4.95 7.60 -30.50
C01 A1BGB M . 1.97 13.29 -34.84
C02 A1BGB M . 0.91 13.04 -34.00
C03 A1BGB M . 0.05 11.99 -34.24
C04 A1BGB M . 0.27 11.17 -35.35
C05 A1BGB M . 1.32 11.42 -36.20
C06 A1BGB M . 2.19 12.47 -35.94
C07 A1BGB M . 0.69 13.94 -32.78
C08 A1BGB M . 0.14 13.13 -31.62
C11 A1BGB M . -0.90 11.60 -29.40
C12 A1BGB M . 0.60 11.92 -29.48
C14 A1BGB M . 2.48 12.92 -30.60
C16 A1BGB M . 2.83 11.73 -28.54
C19 A1BGB M . -3.21 11.78 -30.36
C23 A1BGB M . -5.69 9.49 -33.70
C25 A1BGB M . -6.03 7.14 -34.11
C27 A1BGB M . -5.34 7.91 -31.94
C29 A1BGB M . -5.70 10.93 -34.20
N09 A1BGB M . -1.28 12.84 -31.53
N10 A1BGB M . -1.80 12.08 -30.45
N21 A1BGB M . -4.98 10.29 -31.49
O18 A1BGB M . -1.32 10.98 -28.49
O30 A1BGB M . -2.74 10.06 -31.89
C13 A1BGB N . 11.65 3.07 -33.11
C15 A1BGB N . 13.94 2.98 -32.28
C17 A1BGB N . 12.14 2.02 -31.00
C20 A1BGB N . 6.97 0.99 -33.57
C22 A1BGB N . 5.20 -0.54 -34.50
C24 A1BGB N . 4.42 -1.43 -36.59
C26 A1BGB N . 4.87 -2.90 -34.75
C28 A1BGB N . 5.69 -2.02 -32.53
C01 A1BGB N . 12.34 3.47 -37.50
C02 A1BGB N . 11.32 3.26 -36.59
C03 A1BGB N . 10.47 2.19 -36.75
C04 A1BGB N . 10.64 1.31 -37.81
C05 A1BGB N . 11.67 1.51 -38.70
C06 A1BGB N . 12.52 2.60 -38.55
C07 A1BGB N . 11.13 4.24 -35.43
C08 A1BGB N . 10.64 3.49 -34.19
C11 A1BGB N . 9.73 2.08 -31.85
C12 A1BGB N . 11.22 2.41 -32.01
C14 A1BGB N . 13.03 3.37 -33.26
C16 A1BGB N . 13.49 2.31 -31.16
C19 A1BGB N . 7.36 2.18 -32.71
C23 A1BGB N . 4.78 -0.34 -35.80
C25 A1BGB N . 4.46 -2.70 -36.05
C27 A1BGB N . 5.23 -1.81 -33.97
C29 A1BGB N . 4.74 1.07 -36.39
N09 A1BGB N . 9.22 3.18 -34.03
N10 A1BGB N . 8.77 2.49 -32.87
N21 A1BGB N . 5.58 0.61 -33.68
O18 A1BGB N . 9.35 1.51 -30.89
O30 A1BGB N . 7.80 0.38 -34.15
C13 A1BGB O . 15.17 -0.12 -33.94
C15 A1BGB O . 17.47 -0.18 -33.15
C17 A1BGB O . 15.70 -1.13 -31.83
C20 A1BGB O . 10.50 -2.24 -34.31
C22 A1BGB O . 8.72 -3.78 -35.16
C24 A1BGB O . 7.91 -4.72 -37.23
C26 A1BGB O . 8.40 -6.15 -35.36
C28 A1BGB O . 9.24 -5.24 -33.17
C01 A1BGB O . 15.80 0.19 -38.35
C02 A1BGB O . 14.79 0.00 -37.43
C03 A1BGB O . 13.94 -1.08 -37.54
C04 A1BGB O . 14.10 -1.98 -38.58
C05 A1BGB O . 15.12 -1.79 -39.51
C06 A1BGB O . 15.96 -0.71 -39.39
C07 A1BGB O . 14.62 1.00 -36.29
C08 A1BGB O . 14.15 0.27 -35.02
C11 A1BGB O . 13.28 -1.09 -32.63
C12 A1BGB O . 14.76 -0.76 -32.83
C14 A1BGB O . 16.55 0.18 -34.12
C16 A1BGB O . 17.04 -0.84 -32.00
C19 A1BGB O . 10.90 -1.01 -33.47
C23 A1BGB O . 8.28 -3.62 -36.47
C25 A1BGB O . 7.97 -5.98 -36.67
C27 A1BGB O . 8.77 -5.04 -34.61
C29 A1BGB O . 8.22 -2.22 -37.09
N09 A1BGB O . 12.73 -0.04 -34.84
N10 A1BGB O . 12.30 -0.71 -33.66
N21 A1BGB O . 9.11 -2.63 -34.38
O18 A1BGB O . 12.91 -1.65 -31.66
O30 A1BGB O . 11.32 -2.85 -34.88
#